data_6AUJ
#
_entry.id   6AUJ
#
_cell.length_a   144.110
_cell.length_b   78.550
_cell.length_c   73.370
_cell.angle_alpha   90.000
_cell.angle_beta   90.490
_cell.angle_gamma   90.000
#
_symmetry.space_group_name_H-M   'C 1 2 1'
#
loop_
_entity.id
_entity.type
_entity.pdbx_description
1 polymer 'Thymidylate synthase'
2 non-polymer 'TRIETHYLENE GLYCOL'
3 water water
#
_entity_poly.entity_id   1
_entity_poly.type   'polypeptide(L)'
_entity_poly.pdbx_seq_one_letter_code
;MAHHHHHHMQNYLHLLQDILDNGSDKTDRTGTGTRSLFGYQLRYDLSKGFPLVTTKKVHLKSIIYELLWFLKGDTNIKYL
KDNGVSIWDEWADENGDLGPVYGAQWRSWRGADNKVVDQISEVIDQIKKNPDSRRLIVSAWNVAEIPNMALAP(M0H)HA
MFQFYVADGKLSLQLYQRSADVFLGVPFNIASYALLLMMVAQVTGLQVGDYVHSFGDVHIYNNHFEQVNRQLSRDPKPLP
VMKLNPDVKDIFDFKFEDFELLNYDPHPGIKAPVAI
;
_entity_poly.pdbx_strand_id   A,B,C
#
loop_
_chem_comp.id
_chem_comp.type
_chem_comp.name
_chem_comp.formula
PGE non-polymer 'TRIETHYLENE GLYCOL' 'C6 H14 O4'
#
# COMPACT_ATOMS: atom_id res chain seq x y z
N HIS A 8 9.17 30.25 32.44
CA HIS A 8 8.84 30.45 31.04
C HIS A 8 9.97 29.91 30.16
N MET A 9 10.72 30.83 29.55
CA MET A 9 11.86 30.49 28.70
C MET A 9 13.16 31.00 29.31
N GLN A 10 13.30 30.82 30.63
CA GLN A 10 14.54 31.18 31.32
C GLN A 10 15.72 30.36 30.79
N ASN A 11 15.47 29.11 30.37
CA ASN A 11 16.56 28.29 29.85
C ASN A 11 17.16 28.91 28.59
N TYR A 12 16.32 29.50 27.74
CA TYR A 12 16.84 30.20 26.56
C TYR A 12 17.65 31.43 26.97
N LEU A 13 17.19 32.17 27.98
CA LEU A 13 17.96 33.29 28.50
C LEU A 13 19.29 32.84 29.07
N HIS A 14 19.30 31.68 29.75
CA HIS A 14 20.56 31.16 30.30
C HIS A 14 21.54 30.84 29.18
N LEU A 15 21.05 30.34 28.05
CA LEU A 15 21.90 30.06 26.90
C LEU A 15 22.51 31.34 26.35
N LEU A 16 21.69 32.40 26.22
CA LEU A 16 22.22 33.68 25.78
C LEU A 16 23.35 34.16 26.68
N GLN A 17 23.14 34.09 28.00
CA GLN A 17 24.12 34.59 28.95
C GLN A 17 25.40 33.74 28.92
N ASP A 18 25.25 32.42 28.74
CA ASP A 18 26.40 31.52 28.71
C ASP A 18 27.32 31.87 27.54
N ILE A 19 26.73 32.09 26.35
CA ILE A 19 27.53 32.47 25.20
C ILE A 19 28.23 33.80 25.44
N LEU A 20 27.52 34.77 26.01
CA LEU A 20 28.13 36.07 26.29
C LEU A 20 29.30 35.93 27.27
N ASP A 21 29.10 35.14 28.34
CA ASP A 21 30.12 35.05 29.37
C ASP A 21 31.28 34.16 28.95
N ASN A 22 30.99 33.06 28.27
CA ASN A 22 32.00 32.01 28.13
C ASN A 22 32.29 31.62 26.69
N GLY A 23 31.60 32.20 25.72
CA GLY A 23 31.81 31.81 24.34
C GLY A 23 33.14 32.25 23.79
N SER A 24 33.55 31.58 22.73
CA SER A 24 34.80 31.90 22.03
C SER A 24 34.55 32.83 20.85
N ASP A 25 35.40 33.85 20.72
CA ASP A 25 35.26 34.84 19.66
C ASP A 25 35.90 34.35 18.36
N LYS A 26 35.21 34.58 17.25
CA LYS A 26 35.67 34.20 15.92
C LYS A 26 35.37 35.34 14.94
N THR A 27 35.98 35.26 13.76
CA THR A 27 35.79 36.27 12.73
C THR A 27 35.62 35.59 11.38
N ASP A 28 34.54 35.93 10.68
CA ASP A 28 34.33 35.43 9.33
C ASP A 28 35.31 36.09 8.37
N ARG A 29 35.35 35.56 7.14
CA ARG A 29 36.18 36.17 6.11
C ARG A 29 35.78 37.62 5.85
N THR A 30 34.50 37.93 5.97
CA THR A 30 33.97 39.27 5.78
C THR A 30 34.21 40.18 6.99
N GLY A 31 34.96 39.72 7.99
CA GLY A 31 35.23 40.51 9.16
C GLY A 31 34.13 40.54 10.20
N THR A 32 33.05 39.79 10.00
CA THR A 32 31.93 39.79 10.93
C THR A 32 32.23 38.85 12.09
N GLY A 33 32.18 39.40 13.31
CA GLY A 33 32.52 38.63 14.49
C GLY A 33 31.34 37.91 15.11
N THR A 34 31.62 36.74 15.66
CA THR A 34 30.66 35.98 16.46
C THR A 34 31.35 35.48 17.72
N ARG A 35 30.54 35.15 18.72
CA ARG A 35 30.99 34.47 19.92
C ARG A 35 30.16 33.19 20.05
N SER A 36 30.83 32.06 20.29
CA SER A 36 30.15 30.78 20.14
C SER A 36 30.54 29.79 21.23
N LEU A 37 29.61 28.87 21.48
CA LEU A 37 29.82 27.67 22.26
C LEU A 37 29.43 26.48 21.40
N PHE A 38 29.76 25.27 21.87
CA PHE A 38 29.43 24.05 21.15
C PHE A 38 28.78 23.06 22.10
N GLY A 39 27.61 22.57 21.72
CA GLY A 39 26.93 21.56 22.51
C GLY A 39 26.03 22.19 23.56
N TYR A 40 24.72 22.07 23.36
CA TYR A 40 23.76 22.66 24.29
C TYR A 40 22.44 21.94 24.11
N GLN A 41 21.58 22.02 25.13
CA GLN A 41 20.28 21.36 25.03
C GLN A 41 19.22 22.12 25.81
N LEU A 42 18.07 22.37 25.17
CA LEU A 42 16.91 23.03 25.76
C LEU A 42 15.73 22.07 25.76
N ARG A 43 14.81 22.22 26.72
CA ARG A 43 13.58 21.45 26.56
C ARG A 43 12.38 22.20 27.13
N TYR A 44 11.22 21.91 26.55
CA TYR A 44 9.96 22.53 26.90
C TYR A 44 8.88 21.48 27.02
N ASP A 45 8.18 21.48 28.15
CA ASP A 45 6.96 20.70 28.31
C ASP A 45 5.84 21.47 27.60
N LEU A 46 5.38 20.94 26.46
CA LEU A 46 4.42 21.71 25.66
C LEU A 46 3.03 21.79 26.29
N SER A 47 2.76 21.02 27.34
CA SER A 47 1.49 21.19 28.06
C SER A 47 1.46 22.47 28.89
N LYS A 48 2.61 23.12 29.07
CA LYS A 48 2.72 24.30 29.90
C LYS A 48 2.73 25.58 29.08
N GLY A 49 2.45 25.50 27.79
CA GLY A 49 2.37 26.66 26.94
C GLY A 49 3.27 26.53 25.72
N PHE A 50 3.03 27.44 24.77
CA PHE A 50 3.80 27.35 23.52
C PHE A 50 5.06 28.20 23.61
N PRO A 51 6.23 27.63 23.32
CA PRO A 51 7.50 28.37 23.57
C PRO A 51 7.83 29.38 22.47
N LEU A 52 7.06 30.47 22.44
CA LEU A 52 7.30 31.59 21.53
C LEU A 52 6.92 32.88 22.23
N VAL A 53 7.83 33.86 22.23
CA VAL A 53 7.61 35.14 22.91
C VAL A 53 6.63 36.00 22.11
N THR A 54 7.10 36.59 21.01
CA THR A 54 6.25 37.46 20.19
C THR A 54 6.32 37.08 18.71
N HIS A 59 7.98 36.14 13.03
CA HIS A 59 6.56 36.11 13.34
C HIS A 59 5.90 34.81 12.88
N LEU A 60 4.71 34.57 13.42
CA LEU A 60 4.06 33.27 13.33
C LEU A 60 3.65 32.92 11.91
N LYS A 61 3.33 33.92 11.09
CA LYS A 61 2.87 33.64 9.72
C LYS A 61 3.96 32.95 8.90
N SER A 62 5.20 33.44 9.00
CA SER A 62 6.30 32.77 8.31
C SER A 62 6.54 31.37 8.85
N ILE A 63 6.42 31.18 10.17
CA ILE A 63 6.63 29.86 10.77
C ILE A 63 5.62 28.87 10.21
N ILE A 64 4.35 29.26 10.17
CA ILE A 64 3.31 28.31 9.80
C ILE A 64 3.43 27.95 8.32
N TYR A 65 3.55 28.96 7.46
CA TYR A 65 3.60 28.68 6.02
C TYR A 65 4.85 27.89 5.65
N GLU A 66 5.98 28.15 6.32
CA GLU A 66 7.17 27.35 6.03
C GLU A 66 6.95 25.88 6.38
N LEU A 67 6.27 25.60 7.50
CA LEU A 67 6.01 24.21 7.87
CA LEU A 67 6.01 24.21 7.87
C LEU A 67 5.04 23.56 6.90
N LEU A 68 3.99 24.27 6.50
CA LEU A 68 3.05 23.73 5.53
C LEU A 68 3.75 23.43 4.22
N TRP A 69 4.65 24.31 3.82
CA TRP A 69 5.47 24.14 2.62
C TRP A 69 6.34 22.90 2.70
N PHE A 70 7.06 22.74 3.82
CA PHE A 70 7.84 21.52 4.06
C PHE A 70 6.98 20.28 3.89
N LEU A 71 5.81 20.26 4.53
CA LEU A 71 5.00 19.06 4.53
C LEU A 71 4.43 18.75 3.15
N LYS A 72 4.30 19.77 2.27
CA LYS A 72 3.90 19.53 0.89
C LYS A 72 5.01 18.91 0.06
N GLY A 73 6.26 18.93 0.53
CA GLY A 73 7.38 18.42 -0.24
C GLY A 73 7.95 19.41 -1.23
N ASP A 74 7.55 20.68 -1.14
CA ASP A 74 7.88 21.73 -2.08
C ASP A 74 9.24 22.32 -1.74
N THR A 75 10.07 22.57 -2.78
CA THR A 75 11.32 23.29 -2.58
C THR A 75 11.43 24.49 -3.50
N ASN A 76 10.35 24.87 -4.16
CA ASN A 76 10.31 26.12 -4.91
C ASN A 76 9.60 27.17 -4.08
N ILE A 77 10.08 28.42 -4.13
CA ILE A 77 9.58 29.42 -3.18
C ILE A 77 8.24 30.00 -3.58
N LYS A 78 7.69 29.61 -4.74
CA LYS A 78 6.46 30.25 -5.23
C LYS A 78 5.34 30.17 -4.20
N TYR A 79 5.16 29.01 -3.56
CA TYR A 79 4.11 28.86 -2.53
C TYR A 79 4.30 29.86 -1.40
N LEU A 80 5.54 30.04 -0.94
CA LEU A 80 5.80 31.02 0.11
C LEU A 80 5.51 32.44 -0.36
N LYS A 81 6.04 32.83 -1.52
CA LYS A 81 5.82 34.17 -2.03
C LYS A 81 4.34 34.45 -2.27
N ASP A 82 3.59 33.45 -2.76
CA ASP A 82 2.17 33.65 -2.98
C ASP A 82 1.40 33.80 -1.67
N ASN A 83 2.00 33.39 -0.54
CA ASN A 83 1.39 33.62 0.76
C ASN A 83 2.10 34.71 1.55
N GLY A 84 2.88 35.56 0.87
CA GLY A 84 3.48 36.71 1.50
C GLY A 84 4.68 36.43 2.37
N VAL A 85 5.36 35.31 2.14
CA VAL A 85 6.47 34.86 2.99
C VAL A 85 7.74 34.88 2.16
N SER A 86 8.73 35.67 2.60
CA SER A 86 9.92 35.93 1.82
C SER A 86 11.19 35.36 2.44
N ILE A 87 11.07 34.53 3.47
CA ILE A 87 12.25 34.17 4.25
C ILE A 87 13.25 33.33 3.47
N TRP A 88 12.85 32.69 2.39
CA TRP A 88 13.78 31.91 1.58
C TRP A 88 14.19 32.60 0.28
N ASP A 89 13.70 33.83 0.02
CA ASP A 89 13.94 34.47 -1.27
C ASP A 89 15.43 34.58 -1.60
N GLU A 90 16.25 34.95 -0.62
CA GLU A 90 17.66 35.23 -0.89
C GLU A 90 18.44 34.03 -1.40
N TRP A 91 17.95 32.80 -1.19
CA TRP A 91 18.69 31.59 -1.53
C TRP A 91 18.21 30.92 -2.80
N ALA A 92 17.07 31.31 -3.34
CA ALA A 92 16.53 30.66 -4.52
C ALA A 92 17.24 31.13 -5.79
N ASP A 93 17.26 30.27 -6.79
CA ASP A 93 17.80 30.64 -8.10
C ASP A 93 16.76 31.48 -8.84
N GLU A 94 17.04 31.79 -10.11
CA GLU A 94 16.17 32.67 -10.87
C GLU A 94 14.79 32.08 -11.12
N ASN A 95 14.64 30.76 -11.02
CA ASN A 95 13.36 30.09 -11.16
C ASN A 95 12.65 29.89 -9.84
N GLY A 96 13.24 30.34 -8.74
CA GLY A 96 12.68 30.16 -7.42
C GLY A 96 13.01 28.83 -6.78
N ASP A 97 13.96 28.08 -7.33
CA ASP A 97 14.30 26.76 -6.82
C ASP A 97 15.42 26.82 -5.79
N LEU A 98 15.33 25.92 -4.83
CA LEU A 98 16.34 25.77 -3.78
C LEU A 98 17.07 24.44 -3.86
N GLY A 99 16.74 23.57 -4.81
CA GLY A 99 17.25 22.22 -4.78
C GLY A 99 16.58 21.42 -3.69
N PRO A 100 17.10 20.21 -3.41
CA PRO A 100 16.35 19.26 -2.57
C PRO A 100 16.55 19.49 -1.08
N VAL A 101 16.14 20.68 -0.61
CA VAL A 101 16.19 21.03 0.80
C VAL A 101 15.03 20.36 1.55
N TYR A 102 14.73 20.85 2.77
CA TYR A 102 13.88 20.15 3.72
C TYR A 102 12.68 19.42 3.11
N GLY A 103 11.79 20.15 2.43
CA GLY A 103 10.59 19.51 1.91
C GLY A 103 10.88 18.31 1.06
N ALA A 104 11.93 18.39 0.24
CA ALA A 104 12.26 17.26 -0.63
C ALA A 104 12.78 16.08 0.19
N GLN A 105 13.54 16.34 1.26
CA GLN A 105 14.03 15.21 2.07
C GLN A 105 12.92 14.64 2.95
N TRP A 106 12.07 15.51 3.49
CA TRP A 106 10.98 15.03 4.35
C TRP A 106 10.03 14.11 3.59
N ARG A 107 9.70 14.47 2.34
CA ARG A 107 8.68 13.75 1.59
C ARG A 107 9.21 12.86 0.48
N SER A 108 10.48 13.01 0.10
CA SER A 108 10.98 12.41 -1.13
CA SER A 108 10.98 12.32 -1.10
C SER A 108 12.50 12.19 -1.09
N TRP A 109 13.04 11.74 0.04
CA TRP A 109 14.47 11.46 0.15
C TRP A 109 14.91 10.55 -0.99
N ARG A 110 15.89 11.00 -1.77
CA ARG A 110 16.31 10.30 -2.97
C ARG A 110 17.61 9.55 -2.68
N GLY A 111 17.60 8.25 -2.95
CA GLY A 111 18.80 7.42 -2.84
C GLY A 111 19.13 6.69 -4.14
N ALA A 112 19.99 5.67 -4.07
CA ALA A 112 20.36 4.89 -5.24
C ALA A 112 19.19 4.02 -5.72
N ASP A 113 19.32 3.53 -6.96
CA ASP A 113 18.38 2.56 -7.54
C ASP A 113 16.93 3.05 -7.49
N ASN A 114 16.75 4.35 -7.73
CA ASN A 114 15.43 4.98 -7.79
C ASN A 114 14.66 4.86 -6.48
N LYS A 115 15.35 4.65 -5.37
CA LYS A 115 14.70 4.57 -4.07
C LYS A 115 14.32 5.98 -3.60
N VAL A 116 13.05 6.20 -3.32
CA VAL A 116 12.57 7.43 -2.73
CA VAL A 116 12.59 7.43 -2.70
C VAL A 116 11.80 7.09 -1.45
N VAL A 117 11.99 7.89 -0.40
CA VAL A 117 11.36 7.60 0.88
C VAL A 117 10.58 8.81 1.37
N ASP A 118 9.29 8.62 1.63
CA ASP A 118 8.43 9.62 2.26
C ASP A 118 8.58 9.44 3.78
N GLN A 119 9.55 10.16 4.35
CA GLN A 119 9.86 9.97 5.76
C GLN A 119 8.74 10.43 6.68
N ILE A 120 8.01 11.48 6.31
CA ILE A 120 6.91 11.96 7.16
C ILE A 120 5.82 10.91 7.25
N SER A 121 5.41 10.34 6.10
CA SER A 121 4.38 9.32 6.15
C SER A 121 4.84 8.09 6.92
N GLU A 122 6.10 7.69 6.72
CA GLU A 122 6.61 6.52 7.42
C GLU A 122 6.61 6.73 8.94
N VAL A 123 7.10 7.89 9.39
CA VAL A 123 7.29 8.07 10.83
C VAL A 123 5.94 8.20 11.53
N ILE A 124 4.96 8.82 10.86
CA ILE A 124 3.64 8.93 11.47
C ILE A 124 2.99 7.57 11.57
N ASP A 125 3.14 6.74 10.54
CA ASP A 125 2.59 5.39 10.57
C ASP A 125 3.23 4.59 11.71
N GLN A 126 4.52 4.80 11.96
CA GLN A 126 5.19 4.08 13.03
C GLN A 126 4.85 4.62 14.41
N ILE A 127 4.64 5.93 14.56
CA ILE A 127 4.12 6.43 15.85
C ILE A 127 2.81 5.72 16.19
N LYS A 128 1.91 5.62 15.21
CA LYS A 128 0.61 5.00 15.45
C LYS A 128 0.72 3.50 15.74
N LYS A 129 1.53 2.78 14.96
CA LYS A 129 1.53 1.33 14.99
C LYS A 129 2.61 0.73 15.88
N ASN A 130 3.67 1.48 16.14
CA ASN A 130 4.82 0.98 16.90
C ASN A 130 5.34 2.10 17.79
N PRO A 131 4.52 2.57 18.74
CA PRO A 131 4.90 3.76 19.51
C PRO A 131 6.16 3.59 20.36
N ASP A 132 6.49 2.36 20.72
CA ASP A 132 7.71 2.13 21.49
C ASP A 132 8.96 2.13 20.63
N SER A 133 8.83 2.40 19.32
CA SER A 133 10.01 2.40 18.45
C SER A 133 11.06 3.39 18.95
N ARG A 134 12.31 2.94 18.96
CA ARG A 134 13.44 3.78 19.32
C ARG A 134 14.15 4.39 18.09
N ARG A 135 13.50 4.40 16.92
CA ARG A 135 14.10 4.96 15.70
C ARG A 135 13.07 5.77 14.90
N LEU A 136 12.23 6.55 15.59
CA LEU A 136 11.22 7.39 14.92
C LEU A 136 11.88 8.68 14.43
N ILE A 137 12.65 8.55 13.34
CA ILE A 137 13.59 9.58 12.91
C ILE A 137 13.24 10.09 11.51
N VAL A 138 13.35 11.40 11.32
CA VAL A 138 13.37 12.05 10.02
C VAL A 138 14.70 12.75 9.90
N SER A 139 15.38 12.55 8.76
CA SER A 139 16.64 13.25 8.52
C SER A 139 16.56 14.11 7.28
N ALA A 140 17.11 15.32 7.38
CA ALA A 140 17.33 16.15 6.21
C ALA A 140 18.75 16.07 5.68
N TRP A 141 19.64 15.39 6.39
CA TRP A 141 21.07 15.39 6.03
C TRP A 141 21.33 14.29 5.01
N ASN A 142 20.92 14.56 3.78
CA ASN A 142 21.09 13.61 2.69
C ASN A 142 22.40 13.95 2.02
N VAL A 143 23.46 13.25 2.46
CA VAL A 143 24.85 13.63 2.16
C VAL A 143 25.06 13.82 0.67
N ALA A 144 24.61 12.86 -0.13
CA ALA A 144 24.88 12.89 -1.56
C ALA A 144 24.13 13.99 -2.28
N GLU A 145 23.05 14.50 -1.68
CA GLU A 145 22.26 15.56 -2.30
C GLU A 145 22.59 16.95 -1.78
N ILE A 146 23.35 17.08 -0.70
CA ILE A 146 23.64 18.42 -0.16
C ILE A 146 24.27 19.35 -1.18
N PRO A 147 25.19 18.91 -2.07
CA PRO A 147 25.72 19.84 -3.08
C PRO A 147 24.68 20.42 -4.01
N ASN A 148 23.53 19.74 -4.19
CA ASN A 148 22.45 20.25 -5.03
C ASN A 148 21.54 21.24 -4.30
N MET A 149 21.69 21.37 -2.98
CA MET A 149 20.87 22.25 -2.17
C MET A 149 21.42 23.67 -2.17
N ALA A 150 20.53 24.65 -2.01
CA ALA A 150 20.97 26.04 -1.93
C ALA A 150 21.86 26.26 -0.72
N LEU A 151 21.61 25.55 0.38
CA LEU A 151 22.52 25.54 1.52
C LEU A 151 22.33 24.25 2.29
N ALA A 152 23.33 23.91 3.10
CA ALA A 152 23.26 22.67 3.85
C ALA A 152 22.23 22.81 4.99
N PRO A 153 21.44 21.76 5.26
CA PRO A 153 20.39 21.82 6.29
C PRO A 153 20.91 22.26 7.66
OXT M0H A 154 20.66 22.27 11.67
C M0H A 154 19.99 22.65 10.57
CA M0H A 154 20.67 23.64 9.63
N M0H A 154 20.30 23.26 8.27
CB M0H A 154 20.27 25.04 10.11
SG M0H A 154 21.00 26.33 9.12
CD M0H A 154 22.25 27.02 10.17
OE M0H A 154 22.03 28.41 10.30
N HIS A 155 18.78 22.21 10.26
CA HIS A 155 18.05 21.30 11.13
C HIS A 155 18.24 19.89 10.59
N ALA A 156 19.28 19.21 11.12
CA ALA A 156 19.83 18.04 10.44
C ALA A 156 18.92 16.82 10.52
N MET A 157 18.33 16.57 11.70
CA MET A 157 17.41 15.45 11.86
CA MET A 157 17.45 15.42 11.90
C MET A 157 16.62 15.65 13.14
N PHE A 158 15.52 14.91 13.24
CA PHE A 158 14.70 14.93 14.45
C PHE A 158 14.14 13.54 14.73
N GLN A 159 13.73 13.34 15.99
CA GLN A 159 13.32 12.02 16.47
C GLN A 159 12.12 12.18 17.38
N PHE A 160 11.10 11.35 17.18
CA PHE A 160 9.95 11.29 18.07
C PHE A 160 10.12 10.18 19.11
N TYR A 161 9.25 10.21 20.12
CA TYR A 161 9.26 9.31 21.27
C TYR A 161 7.88 9.33 21.90
N VAL A 162 7.39 8.15 22.32
CA VAL A 162 6.07 8.02 22.95
C VAL A 162 6.23 7.38 24.32
N ALA A 163 5.66 8.02 25.35
CA ALA A 163 5.59 7.41 26.68
C ALA A 163 4.35 7.94 27.38
N ASP A 164 3.63 7.03 28.03
CA ASP A 164 2.45 7.37 28.83
C ASP A 164 1.46 8.22 28.04
N GLY A 165 1.29 7.88 26.76
CA GLY A 165 0.32 8.55 25.92
C GLY A 165 0.71 9.92 25.45
N LYS A 166 1.97 10.32 25.64
CA LYS A 166 2.45 11.64 25.28
C LYS A 166 3.55 11.50 24.23
N LEU A 167 3.49 12.35 23.21
CA LEU A 167 4.46 12.35 22.13
C LEU A 167 5.50 13.44 22.36
N SER A 168 6.77 13.07 22.27
CA SER A 168 7.88 14.02 22.37
C SER A 168 8.63 14.07 21.06
N LEU A 169 9.38 15.15 20.87
CA LEU A 169 10.18 15.37 19.67
CA LEU A 169 10.17 15.38 19.67
C LEU A 169 11.50 15.99 20.09
N GLN A 170 12.60 15.52 19.50
CA GLN A 170 13.91 16.12 19.70
C GLN A 170 14.50 16.52 18.35
N LEU A 171 14.99 17.75 18.27
CA LEU A 171 15.67 18.26 17.08
C LEU A 171 17.17 18.33 17.31
N TYR A 172 17.96 17.98 16.28
CA TYR A 172 19.40 18.26 16.30
C TYR A 172 19.67 19.36 15.28
N GLN A 173 20.11 20.51 15.78
CA GLN A 173 20.43 21.68 14.96
C GLN A 173 21.95 21.90 14.97
N ARG A 174 22.56 21.88 13.77
CA ARG A 174 24.01 21.92 13.68
C ARG A 174 24.59 23.29 13.99
N SER A 175 23.81 24.36 13.77
CA SER A 175 24.33 25.70 13.93
C SER A 175 23.14 26.63 14.18
N ALA A 176 23.32 27.58 15.09
CA ALA A 176 22.18 28.44 15.46
C ALA A 176 22.65 29.83 15.85
N ASP A 177 22.00 30.85 15.26
CA ASP A 177 22.08 32.21 15.75
C ASP A 177 21.08 32.32 16.89
N VAL A 178 21.58 32.37 18.13
CA VAL A 178 20.68 32.22 19.26
C VAL A 178 19.78 33.45 19.40
N PHE A 179 20.28 34.63 19.01
CA PHE A 179 19.48 35.85 19.16
C PHE A 179 18.44 35.98 18.07
N LEU A 180 18.85 35.81 16.80
CA LEU A 180 17.96 36.07 15.68
C LEU A 180 17.21 34.84 15.18
N GLY A 181 17.82 33.65 15.25
CA GLY A 181 17.21 32.50 14.62
C GLY A 181 16.52 31.55 15.58
N VAL A 182 17.12 31.33 16.75
CA VAL A 182 16.64 30.27 17.64
C VAL A 182 15.19 30.46 18.07
N PRO A 183 14.69 31.68 18.36
CA PRO A 183 13.25 31.77 18.71
C PRO A 183 12.36 31.22 17.62
N PHE A 184 12.67 31.52 16.36
CA PHE A 184 11.94 30.97 15.22
C PHE A 184 12.13 29.45 15.14
N ASN A 185 13.36 28.98 15.35
CA ASN A 185 13.64 27.56 15.21
C ASN A 185 12.87 26.74 16.25
N ILE A 186 12.89 27.18 17.50
CA ILE A 186 12.15 26.49 18.57
C ILE A 186 10.67 26.42 18.22
N ALA A 187 10.08 27.56 17.85
CA ALA A 187 8.65 27.61 17.56
C ALA A 187 8.28 26.67 16.42
N SER A 188 9.13 26.60 15.39
CA SER A 188 8.84 25.76 14.23
CA SER A 188 8.83 25.77 14.23
C SER A 188 8.68 24.30 14.62
N TYR A 189 9.67 23.75 15.33
CA TYR A 189 9.61 22.32 15.60
C TYR A 189 8.72 21.99 16.79
N ALA A 190 8.52 22.93 17.72
CA ALA A 190 7.47 22.72 18.73
C ALA A 190 6.09 22.65 18.08
N LEU A 191 5.86 23.48 17.07
CA LEU A 191 4.57 23.45 16.39
C LEU A 191 4.40 22.15 15.62
N LEU A 192 5.47 21.69 14.95
CA LEU A 192 5.42 20.38 14.31
C LEU A 192 5.05 19.29 15.31
N LEU A 193 5.63 19.32 16.52
CA LEU A 193 5.26 18.32 17.52
C LEU A 193 3.76 18.39 17.84
N MET A 194 3.22 19.59 17.99
CA MET A 194 1.80 19.69 18.32
C MET A 194 0.95 19.14 17.19
N MET A 195 1.35 19.40 15.94
CA MET A 195 0.61 18.92 14.79
C MET A 195 0.64 17.40 14.71
N VAL A 196 1.82 16.80 14.90
CA VAL A 196 1.92 15.35 14.81
C VAL A 196 1.19 14.68 15.97
N ALA A 197 1.32 15.26 17.17
CA ALA A 197 0.59 14.69 18.31
C ALA A 197 -0.90 14.65 18.04
N GLN A 198 -1.44 15.71 17.43
CA GLN A 198 -2.88 15.73 17.19
C GLN A 198 -3.31 14.63 16.21
N VAL A 199 -2.62 14.50 15.08
CA VAL A 199 -3.05 13.55 14.06
C VAL A 199 -2.70 12.10 14.39
N THR A 200 -1.88 11.86 15.41
CA THR A 200 -1.63 10.50 15.89
C THR A 200 -2.43 10.17 17.13
N GLY A 201 -3.31 11.07 17.58
CA GLY A 201 -4.16 10.81 18.73
C GLY A 201 -3.47 10.82 20.07
N LEU A 202 -2.31 11.45 20.18
CA LEU A 202 -1.55 11.49 21.41
C LEU A 202 -1.63 12.87 22.06
N GLN A 203 -1.39 12.90 23.37
CA GLN A 203 -1.21 14.17 24.06
C GLN A 203 0.22 14.67 23.83
N VAL A 204 0.43 15.97 24.01
CA VAL A 204 1.73 16.55 23.70
C VAL A 204 2.66 16.38 24.88
N GLY A 205 3.90 15.97 24.60
CA GLY A 205 4.92 15.79 25.61
C GLY A 205 5.96 16.89 25.62
N ASP A 206 7.24 16.52 25.54
CA ASP A 206 8.34 17.47 25.59
C ASP A 206 8.88 17.74 24.20
N TYR A 207 9.22 18.99 23.95
CA TYR A 207 10.04 19.37 22.80
C TYR A 207 11.47 19.55 23.31
N VAL A 208 12.42 18.85 22.69
CA VAL A 208 13.83 18.88 23.08
C VAL A 208 14.63 19.43 21.92
N HIS A 209 15.49 20.40 22.18
CA HIS A 209 16.25 21.07 21.12
C HIS A 209 17.73 20.95 21.45
N SER A 210 18.44 20.14 20.68
CA SER A 210 19.88 19.95 20.86
C SER A 210 20.64 20.74 19.81
N PHE A 211 21.79 21.30 20.20
CA PHE A 211 22.54 22.20 19.35
C PHE A 211 23.99 21.76 19.22
N GLY A 212 24.52 21.95 18.02
CA GLY A 212 25.96 21.94 17.81
C GLY A 212 26.53 23.31 18.11
N ASP A 213 26.88 24.06 17.06
CA ASP A 213 27.37 25.42 17.23
C ASP A 213 26.22 26.34 17.62
N VAL A 214 26.43 27.14 18.67
CA VAL A 214 25.50 28.20 19.06
C VAL A 214 26.26 29.51 19.12
N HIS A 215 25.76 30.54 18.45
CA HIS A 215 26.53 31.77 18.37
C HIS A 215 25.64 32.99 18.51
N ILE A 216 26.26 34.08 18.95
CA ILE A 216 25.68 35.42 18.94
C ILE A 216 26.64 36.33 18.19
N TYR A 217 26.12 37.17 17.30
CA TYR A 217 26.96 38.14 16.62
C TYR A 217 27.38 39.24 17.59
N ASN A 218 28.67 39.61 17.54
CA ASN A 218 29.19 40.63 18.43
C ASN A 218 28.41 41.94 18.31
N ASN A 219 27.87 42.22 17.13
CA ASN A 219 27.09 43.43 16.91
C ASN A 219 25.75 43.42 17.64
N HIS A 220 25.33 42.27 18.18
CA HIS A 220 24.06 42.14 18.87
C HIS A 220 24.18 42.08 20.39
N PHE A 221 25.39 42.27 20.92
CA PHE A 221 25.59 42.11 22.36
C PHE A 221 24.70 43.05 23.15
N GLU A 222 24.58 44.31 22.70
CA GLU A 222 23.73 45.27 23.41
C GLU A 222 22.28 44.81 23.44
N GLN A 223 21.76 44.35 22.28
CA GLN A 223 20.39 43.89 22.23
C GLN A 223 20.16 42.67 23.10
N VAL A 224 21.14 41.76 23.15
CA VAL A 224 21.00 40.56 23.96
C VAL A 224 20.96 40.93 25.45
N ASN A 225 21.88 41.79 25.89
CA ASN A 225 21.88 42.20 27.29
C ASN A 225 20.56 42.84 27.70
N ARG A 226 19.90 43.56 26.78
CA ARG A 226 18.63 44.19 27.12
C ARG A 226 17.52 43.15 27.25
N GLN A 227 17.51 42.15 26.37
CA GLN A 227 16.51 41.10 26.48
C GLN A 227 16.73 40.26 27.73
N LEU A 228 17.99 40.13 28.19
CA LEU A 228 18.28 39.36 29.39
C LEU A 228 17.73 40.02 30.64
N SER A 229 17.56 41.34 30.62
CA SER A 229 17.11 42.10 31.78
C SER A 229 15.61 42.38 31.73
N ARG A 230 14.89 41.78 30.79
CA ARG A 230 13.46 42.01 30.65
C ARG A 230 12.67 41.06 31.52
N ASP A 231 11.56 41.54 32.07
CA ASP A 231 10.72 40.72 32.93
C ASP A 231 10.03 39.66 32.09
N PRO A 232 10.09 38.39 32.49
CA PRO A 232 9.48 37.32 31.68
C PRO A 232 7.97 37.31 31.78
N LYS A 233 7.32 37.09 30.64
CA LYS A 233 5.87 37.02 30.54
C LYS A 233 5.41 35.58 30.44
N PRO A 234 4.13 35.31 30.69
CA PRO A 234 3.63 33.95 30.56
C PRO A 234 3.69 33.48 29.11
N LEU A 235 3.78 32.18 28.94
CA LEU A 235 3.78 31.67 27.57
C LEU A 235 2.37 31.72 26.99
N PRO A 236 2.25 31.97 25.68
CA PRO A 236 0.94 31.89 25.04
C PRO A 236 0.51 30.44 24.89
N VAL A 237 -0.74 30.27 24.44
CA VAL A 237 -1.32 28.96 24.18
C VAL A 237 -1.58 28.83 22.69
N MET A 238 -1.10 27.74 22.09
CA MET A 238 -1.32 27.44 20.69
C MET A 238 -2.48 26.45 20.58
N LYS A 239 -3.53 26.84 19.86
CA LYS A 239 -4.73 26.03 19.70
C LYS A 239 -4.84 25.63 18.24
N LEU A 240 -4.91 24.32 17.97
CA LEU A 240 -5.08 23.81 16.63
C LEU A 240 -6.53 23.39 16.42
N ASN A 241 -6.98 23.49 15.17
CA ASN A 241 -8.30 23.00 14.79
C ASN A 241 -8.39 21.51 15.11
N PRO A 242 -9.21 21.10 16.07
CA PRO A 242 -9.24 19.68 16.46
C PRO A 242 -9.80 18.76 15.39
N ASP A 243 -10.36 19.31 14.30
CA ASP A 243 -10.91 18.50 13.23
C ASP A 243 -9.86 17.98 12.25
N VAL A 244 -8.62 18.42 12.34
CA VAL A 244 -7.59 17.96 11.41
C VAL A 244 -7.06 16.61 11.91
N LYS A 245 -7.22 15.57 11.09
CA LYS A 245 -6.77 14.23 11.44
C LYS A 245 -5.67 13.70 10.53
N ASP A 246 -5.16 14.52 9.60
CA ASP A 246 -4.16 14.12 8.62
C ASP A 246 -3.10 15.21 8.60
N ILE A 247 -1.82 14.82 8.75
CA ILE A 247 -0.74 15.79 8.82
C ILE A 247 -0.67 16.68 7.59
N PHE A 248 -1.19 16.21 6.45
CA PHE A 248 -1.12 16.98 5.22
C PHE A 248 -2.34 17.87 5.00
N ASP A 249 -3.26 17.90 5.96
CA ASP A 249 -4.53 18.61 5.84
C ASP A 249 -4.59 19.88 6.67
N PHE A 250 -3.46 20.36 7.21
CA PHE A 250 -3.49 21.63 7.93
C PHE A 250 -3.49 22.80 6.96
N LYS A 251 -4.16 23.87 7.37
CA LYS A 251 -4.18 25.15 6.64
C LYS A 251 -3.84 26.25 7.63
N PHE A 252 -3.48 27.42 7.09
CA PHE A 252 -3.03 28.52 7.93
C PHE A 252 -4.06 28.89 8.99
N GLU A 253 -5.35 28.89 8.62
CA GLU A 253 -6.37 29.29 9.59
C GLU A 253 -6.61 28.24 10.68
N ASP A 254 -5.96 27.09 10.63
CA ASP A 254 -6.12 26.07 11.65
C ASP A 254 -5.31 26.35 12.91
N PHE A 255 -4.59 27.46 12.94
CA PHE A 255 -3.68 27.79 14.04
C PHE A 255 -4.14 29.09 14.69
N GLU A 256 -4.20 29.10 16.02
CA GLU A 256 -4.48 30.34 16.75
C GLU A 256 -3.62 30.37 18.01
N LEU A 257 -2.80 31.41 18.14
CA LEU A 257 -1.97 31.65 19.31
C LEU A 257 -2.67 32.67 20.21
N LEU A 258 -2.88 32.31 21.47
CA LEU A 258 -3.74 33.05 22.39
C LEU A 258 -2.95 33.54 23.60
N ASN A 259 -3.55 34.48 24.32
CA ASN A 259 -2.96 35.06 25.54
C ASN A 259 -1.62 35.72 25.24
N HIS B 8 5.34 -32.01 -14.41
CA HIS B 8 5.06 -31.30 -13.16
C HIS B 8 4.18 -30.08 -13.42
N MET B 9 3.82 -29.86 -14.68
CA MET B 9 2.86 -28.83 -15.06
C MET B 9 1.64 -29.42 -15.75
N GLN B 10 1.24 -30.62 -15.32
CA GLN B 10 -0.04 -31.15 -15.78
C GLN B 10 -1.20 -30.26 -15.38
N ASN B 11 -1.06 -29.47 -14.32
CA ASN B 11 -2.15 -28.59 -13.91
C ASN B 11 -2.41 -27.52 -14.98
N TYR B 12 -1.36 -27.04 -15.65
CA TYR B 12 -1.53 -26.11 -16.75
C TYR B 12 -2.23 -26.77 -17.93
N LEU B 13 -1.88 -28.02 -18.25
CA LEU B 13 -2.55 -28.71 -19.35
C LEU B 13 -4.02 -28.94 -19.05
N HIS B 14 -4.36 -29.21 -17.78
CA HIS B 14 -5.76 -29.37 -17.41
CA HIS B 14 -5.78 -29.38 -17.44
C HIS B 14 -6.54 -28.07 -17.58
N LEU B 15 -5.88 -26.94 -17.30
CA LEU B 15 -6.54 -25.65 -17.49
C LEU B 15 -6.89 -25.45 -18.96
N LEU B 16 -5.95 -25.74 -19.86
CA LEU B 16 -6.23 -25.67 -21.29
C LEU B 16 -7.44 -26.53 -21.64
N GLN B 17 -7.45 -27.77 -21.17
CA GLN B 17 -8.53 -28.70 -21.52
C GLN B 17 -9.86 -28.26 -20.93
N ASP B 18 -9.84 -27.74 -19.69
CA ASP B 18 -11.06 -27.25 -19.05
C ASP B 18 -11.70 -26.14 -19.86
N ILE B 19 -10.88 -25.20 -20.37
CA ILE B 19 -11.41 -24.11 -21.18
C ILE B 19 -11.99 -24.64 -22.48
N LEU B 20 -11.28 -25.56 -23.15
CA LEU B 20 -11.78 -26.09 -24.42
C LEU B 20 -13.13 -26.77 -24.23
N ASP B 21 -13.27 -27.55 -23.17
CA ASP B 21 -14.48 -28.35 -22.98
C ASP B 21 -15.62 -27.54 -22.40
N ASN B 22 -15.33 -26.54 -21.58
CA ASN B 22 -16.36 -25.92 -20.76
C ASN B 22 -16.44 -24.41 -20.90
N GLY B 23 -15.53 -23.78 -21.65
CA GLY B 23 -15.52 -22.34 -21.73
C GLY B 23 -16.67 -21.79 -22.55
N SER B 24 -16.88 -20.48 -22.41
CA SER B 24 -17.94 -19.75 -23.08
C SER B 24 -17.37 -18.95 -24.24
N ASP B 25 -18.03 -19.04 -25.39
CA ASP B 25 -17.56 -18.34 -26.58
C ASP B 25 -18.01 -16.89 -26.58
N LYS B 26 -17.09 -15.99 -26.95
CA LYS B 26 -17.39 -14.58 -27.11
C LYS B 26 -16.77 -14.08 -28.41
N THR B 27 -17.24 -12.91 -28.84
CA THR B 27 -16.72 -12.24 -30.02
C THR B 27 -16.57 -10.75 -29.71
N ASP B 28 -15.42 -10.17 -30.02
CA ASP B 28 -15.19 -8.75 -29.81
C ASP B 28 -15.70 -7.97 -31.02
N ARG B 29 -15.43 -6.66 -31.04
CA ARG B 29 -15.90 -5.82 -32.14
C ARG B 29 -15.27 -6.23 -33.46
N THR B 30 -14.06 -6.78 -33.42
CA THR B 30 -13.33 -7.16 -34.63
C THR B 30 -13.86 -8.43 -35.28
N GLY B 31 -14.65 -9.22 -34.55
CA GLY B 31 -15.00 -10.54 -35.01
C GLY B 31 -14.08 -11.63 -34.48
N THR B 32 -13.15 -11.29 -33.60
CA THR B 32 -12.20 -12.27 -33.05
C THR B 32 -12.85 -13.01 -31.89
N GLY B 33 -12.83 -14.33 -31.96
CA GLY B 33 -13.47 -15.18 -30.97
C GLY B 33 -12.50 -15.66 -29.91
N THR B 34 -12.98 -15.70 -28.67
CA THR B 34 -12.30 -16.36 -27.56
C THR B 34 -13.27 -17.28 -26.84
N ARG B 35 -12.71 -18.29 -26.18
CA ARG B 35 -13.45 -19.17 -25.28
C ARG B 35 -12.86 -18.98 -23.89
N SER B 36 -13.71 -18.72 -22.88
CA SER B 36 -13.19 -18.28 -21.60
C SER B 36 -13.89 -18.95 -20.42
N LEU B 37 -13.15 -19.08 -19.34
CA LEU B 37 -13.70 -19.39 -18.02
C LEU B 37 -13.33 -18.26 -17.07
N PHE B 38 -13.90 -18.30 -15.87
CA PHE B 38 -13.63 -17.29 -14.86
C PHE B 38 -13.35 -17.98 -13.53
N GLY B 39 -12.21 -17.65 -12.93
CA GLY B 39 -11.84 -18.20 -11.64
C GLY B 39 -11.04 -19.48 -11.79
N TYR B 40 -9.75 -19.41 -11.51
CA TYR B 40 -8.90 -20.59 -11.59
C TYR B 40 -7.68 -20.37 -10.70
N GLN B 41 -7.03 -21.48 -10.32
CA GLN B 41 -5.83 -21.36 -9.51
C GLN B 41 -4.86 -22.49 -9.85
N LEU B 42 -3.59 -22.14 -10.01
CA LEU B 42 -2.51 -23.08 -10.21
C LEU B 42 -1.47 -22.89 -9.10
N ARG B 43 -0.76 -23.96 -8.75
CA ARG B 43 0.36 -23.75 -7.83
C ARG B 43 1.51 -24.67 -8.16
N TYR B 44 2.71 -24.23 -7.78
CA TYR B 44 3.96 -24.92 -8.06
C TYR B 44 4.84 -24.87 -6.83
N ASP B 45 5.39 -26.03 -6.44
CA ASP B 45 6.42 -26.05 -5.41
C ASP B 45 7.74 -25.75 -6.12
N LEU B 46 8.32 -24.56 -5.88
CA LEU B 46 9.50 -24.18 -6.65
C LEU B 46 10.74 -24.96 -6.26
N SER B 47 10.69 -25.72 -5.17
CA SER B 47 11.79 -26.63 -4.84
C SER B 47 11.85 -27.83 -5.77
N LYS B 48 10.84 -28.02 -6.61
CA LYS B 48 10.76 -29.15 -7.53
C LYS B 48 11.14 -28.77 -8.96
N GLY B 49 11.67 -27.58 -9.17
CA GLY B 49 12.08 -27.14 -10.49
C GLY B 49 11.35 -25.87 -10.91
N PHE B 50 11.86 -25.28 -11.99
CA PHE B 50 11.31 -24.02 -12.49
C PHE B 50 10.14 -24.31 -13.42
N PRO B 51 8.94 -23.77 -13.17
CA PRO B 51 7.76 -24.09 -14.02
C PRO B 51 7.74 -23.34 -15.35
N LEU B 52 8.65 -23.72 -16.23
CA LEU B 52 8.66 -23.26 -17.61
C LEU B 52 8.10 -24.40 -18.46
N VAL B 53 7.01 -24.13 -19.19
CA VAL B 53 6.36 -25.20 -19.95
C VAL B 53 7.35 -25.86 -20.89
N THR B 54 7.25 -27.19 -21.01
CA THR B 54 8.15 -27.98 -21.83
C THR B 54 7.47 -28.62 -23.04
N THR B 55 6.15 -28.50 -23.17
CA THR B 55 5.46 -29.00 -24.35
C THR B 55 5.56 -28.05 -25.55
N LYS B 56 6.23 -26.91 -25.37
CA LYS B 56 6.62 -26.03 -26.46
C LYS B 56 7.76 -25.15 -25.96
N LYS B 57 8.65 -24.80 -26.88
CA LYS B 57 9.81 -24.00 -26.51
C LYS B 57 9.40 -22.56 -26.22
N VAL B 58 9.79 -22.07 -25.04
CA VAL B 58 9.51 -20.71 -24.61
C VAL B 58 10.85 -20.06 -24.25
N HIS B 59 11.16 -18.95 -24.91
CA HIS B 59 12.37 -18.19 -24.60
C HIS B 59 12.14 -17.29 -23.42
N LEU B 60 13.06 -17.30 -22.45
CA LEU B 60 12.89 -16.47 -21.28
C LEU B 60 13.78 -15.25 -21.27
N LYS B 61 14.50 -14.96 -22.37
CA LYS B 61 15.24 -13.70 -22.45
C LYS B 61 14.30 -12.52 -22.21
N SER B 62 13.13 -12.54 -22.86
CA SER B 62 12.18 -11.45 -22.67
C SER B 62 11.64 -11.43 -21.25
N ILE B 63 11.40 -12.61 -20.65
CA ILE B 63 10.92 -12.68 -19.27
C ILE B 63 11.88 -11.98 -18.34
N ILE B 64 13.18 -12.27 -18.48
CA ILE B 64 14.16 -11.73 -17.54
C ILE B 64 14.29 -10.22 -17.70
N TYR B 65 14.47 -9.74 -18.93
CA TYR B 65 14.65 -8.31 -19.12
C TYR B 65 13.41 -7.53 -18.68
N GLU B 66 12.21 -8.07 -18.91
CA GLU B 66 11.01 -7.35 -18.46
C GLU B 66 11.00 -7.22 -16.95
N LEU B 67 11.40 -8.27 -16.24
CA LEU B 67 11.41 -8.21 -14.79
CA LEU B 67 11.43 -8.23 -14.78
C LEU B 67 12.48 -7.24 -14.27
N LEU B 68 13.68 -7.26 -14.85
CA LEU B 68 14.70 -6.30 -14.46
C LEU B 68 14.21 -4.87 -14.70
N TRP B 69 13.49 -4.67 -15.80
CA TRP B 69 12.93 -3.38 -16.17
C TRP B 69 11.90 -2.92 -15.14
N PHE B 70 10.98 -3.81 -14.77
CA PHE B 70 10.05 -3.52 -13.68
C PHE B 70 10.79 -3.07 -12.42
N LEU B 71 11.81 -3.83 -12.02
CA LEU B 71 12.46 -3.55 -10.74
C LEU B 71 13.21 -2.22 -10.76
N LYS B 72 13.63 -1.77 -11.95
CA LYS B 72 14.27 -0.46 -12.07
C LYS B 72 13.27 0.68 -11.89
N GLY B 73 11.97 0.41 -12.02
CA GLY B 73 10.97 1.46 -11.99
C GLY B 73 10.71 2.10 -13.32
N ASP B 74 11.23 1.53 -14.40
CA ASP B 74 11.21 2.11 -15.73
C ASP B 74 9.87 1.79 -16.40
N THR B 75 9.30 2.78 -17.10
CA THR B 75 8.13 2.52 -17.92
C THR B 75 8.34 2.97 -19.36
N ASN B 76 9.56 3.34 -19.74
CA ASN B 76 9.91 3.61 -21.12
C ASN B 76 10.54 2.36 -21.71
N ILE B 77 10.20 2.05 -22.96
CA ILE B 77 10.61 0.75 -23.51
C ILE B 77 12.03 0.76 -24.07
N LYS B 78 12.76 1.88 -24.00
CA LYS B 78 14.10 1.94 -24.58
C LYS B 78 14.99 0.82 -24.03
N TYR B 79 14.96 0.61 -22.71
CA TYR B 79 15.76 -0.45 -22.10
C TYR B 79 15.41 -1.81 -22.69
N LEU B 80 14.12 -2.07 -22.90
CA LEU B 80 13.72 -3.32 -23.55
C LEU B 80 14.20 -3.38 -24.98
N LYS B 81 13.99 -2.29 -25.73
CA LYS B 81 14.38 -2.25 -27.14
C LYS B 81 15.89 -2.33 -27.31
N ASP B 82 16.64 -1.80 -26.36
CA ASP B 82 18.09 -1.88 -26.43
C ASP B 82 18.60 -3.30 -26.15
N ASN B 83 17.75 -4.17 -25.59
CA ASN B 83 18.10 -5.56 -25.33
C ASN B 83 17.30 -6.53 -26.20
N GLY B 84 16.73 -6.04 -27.30
CA GLY B 84 16.08 -6.90 -28.26
C GLY B 84 14.75 -7.46 -27.82
N VAL B 85 14.08 -6.80 -26.88
CA VAL B 85 12.81 -7.26 -26.32
C VAL B 85 11.71 -6.33 -26.82
N SER B 86 10.75 -6.90 -27.55
CA SER B 86 9.76 -6.10 -28.27
C SER B 86 8.35 -6.27 -27.73
N ILE B 87 8.19 -6.93 -26.58
CA ILE B 87 6.85 -7.34 -26.17
C ILE B 87 5.94 -6.16 -25.82
N TRP B 88 6.50 -4.97 -25.56
CA TRP B 88 5.67 -3.81 -25.24
C TRP B 88 5.57 -2.81 -26.38
N ASP B 89 6.12 -3.13 -27.56
CA ASP B 89 6.21 -2.14 -28.63
C ASP B 89 4.84 -1.61 -29.05
N GLU B 90 3.83 -2.48 -29.12
CA GLU B 90 2.55 -2.08 -29.67
C GLU B 90 1.84 -1.04 -28.81
N TRP B 91 2.22 -0.89 -27.54
CA TRP B 91 1.50 -0.04 -26.61
C TRP B 91 2.20 1.30 -26.33
N ALA B 92 3.48 1.43 -26.65
CA ALA B 92 4.21 2.65 -26.34
C ALA B 92 3.90 3.76 -27.34
N ASP B 93 4.00 5.00 -26.86
CA ASP B 93 3.75 6.15 -27.72
C ASP B 93 5.01 6.45 -28.54
N GLU B 94 5.01 7.62 -29.20
CA GLU B 94 6.09 7.98 -30.11
C GLU B 94 7.43 8.14 -29.40
N ASN B 95 7.40 8.45 -28.11
CA ASN B 95 8.61 8.60 -27.32
C ASN B 95 8.99 7.34 -26.58
N GLY B 96 8.23 6.26 -26.72
CA GLY B 96 8.50 5.02 -26.03
C GLY B 96 7.86 4.89 -24.67
N ASP B 97 7.00 5.83 -24.28
CA ASP B 97 6.43 5.85 -22.94
C ASP B 97 5.15 5.03 -22.89
N LEU B 98 4.89 4.44 -21.72
CA LEU B 98 3.67 3.68 -21.48
C LEU B 98 2.77 4.30 -20.43
N GLY B 99 3.19 5.41 -19.81
CA GLY B 99 2.51 5.88 -18.64
C GLY B 99 2.91 5.05 -17.44
N PRO B 100 2.24 5.26 -16.30
CA PRO B 100 2.75 4.68 -15.03
C PRO B 100 2.30 3.23 -14.81
N VAL B 101 2.76 2.33 -15.69
CA VAL B 101 2.47 0.91 -15.59
C VAL B 101 3.39 0.26 -14.55
N TYR B 102 3.53 -1.07 -14.61
CA TYR B 102 4.14 -1.88 -13.56
C TYR B 102 5.31 -1.24 -12.82
N GLY B 103 6.38 -0.94 -13.56
CA GLY B 103 7.57 -0.41 -12.90
C GLY B 103 7.27 0.82 -12.06
N ALA B 104 6.43 1.73 -12.59
CA ALA B 104 6.11 2.94 -11.85
C ALA B 104 5.31 2.62 -10.58
N GLN B 105 4.39 1.64 -10.65
CA GLN B 105 3.64 1.32 -9.44
C GLN B 105 4.49 0.53 -8.45
N TRP B 106 5.34 -0.38 -8.94
CA TRP B 106 6.16 -1.19 -8.05
C TRP B 106 7.13 -0.32 -7.25
N ARG B 107 7.73 0.67 -7.88
CA ARG B 107 8.78 1.47 -7.26
C ARG B 107 8.36 2.87 -6.85
N SER B 108 7.23 3.37 -7.35
CA SER B 108 6.89 4.78 -7.15
CA SER B 108 6.90 4.79 -7.16
C SER B 108 5.40 5.03 -7.27
N TRP B 109 4.59 4.20 -6.61
CA TRP B 109 3.15 4.40 -6.60
C TRP B 109 2.82 5.81 -6.12
N ARG B 110 2.06 6.56 -6.91
CA ARG B 110 1.73 7.95 -6.59
C ARG B 110 0.34 8.03 -5.98
N GLY B 111 0.22 8.75 -4.87
CA GLY B 111 -1.07 9.03 -4.28
C GLY B 111 -1.27 10.50 -3.97
N ALA B 112 -2.30 10.79 -3.18
CA ALA B 112 -2.63 12.16 -2.80
C ALA B 112 -1.50 12.77 -1.97
N ASP B 113 -1.49 14.10 -1.92
CA ASP B 113 -0.59 14.86 -1.05
C ASP B 113 0.86 14.51 -1.28
N ASN B 114 1.21 14.34 -2.55
CA ASN B 114 2.60 14.09 -2.97
C ASN B 114 3.15 12.79 -2.38
N LYS B 115 2.30 11.85 -1.99
CA LYS B 115 2.80 10.58 -1.46
C LYS B 115 3.32 9.70 -2.59
N VAL B 116 4.51 9.15 -2.41
CA VAL B 116 5.05 8.12 -3.28
CA VAL B 116 5.03 8.11 -3.29
C VAL B 116 5.45 6.94 -2.41
N VAL B 117 5.21 5.72 -2.91
CA VAL B 117 5.54 4.52 -2.15
C VAL B 117 6.37 3.57 -3.02
N ASP B 118 7.56 3.21 -2.53
CA ASP B 118 8.39 2.16 -3.11
C ASP B 118 7.94 0.83 -2.53
N GLN B 119 6.98 0.18 -3.21
CA GLN B 119 6.41 -1.04 -2.65
C GLN B 119 7.40 -2.19 -2.61
N ILE B 120 8.31 -2.27 -3.59
CA ILE B 120 9.29 -3.36 -3.61
C ILE B 120 10.21 -3.24 -2.39
N SER B 121 10.78 -2.05 -2.17
CA SER B 121 11.62 -1.87 -0.99
C SER B 121 10.85 -2.14 0.29
N GLU B 122 9.61 -1.68 0.38
CA GLU B 122 8.82 -1.88 1.58
CA GLU B 122 8.87 -1.88 1.61
C GLU B 122 8.56 -3.35 1.84
N VAL B 123 8.15 -4.09 0.81
CA VAL B 123 7.71 -5.47 1.07
C VAL B 123 8.92 -6.33 1.40
N ILE B 124 10.08 -6.04 0.80
CA ILE B 124 11.27 -6.82 1.11
C ILE B 124 11.73 -6.55 2.54
N ASP B 125 11.69 -5.27 2.96
CA ASP B 125 12.00 -4.94 4.34
C ASP B 125 11.08 -5.66 5.30
N GLN B 126 9.80 -5.79 4.94
CA GLN B 126 8.84 -6.46 5.83
C GLN B 126 9.01 -7.98 5.84
N ILE B 127 9.39 -8.59 4.71
CA ILE B 127 9.69 -10.02 4.75
C ILE B 127 10.81 -10.29 5.74
N LYS B 128 11.83 -9.42 5.74
CA LYS B 128 12.99 -9.62 6.60
C LYS B 128 12.65 -9.35 8.07
N LYS B 129 11.90 -8.29 8.34
CA LYS B 129 11.68 -7.85 9.70
C LYS B 129 10.38 -8.36 10.31
N ASN B 130 9.40 -8.69 9.48
CA ASN B 130 8.08 -9.10 9.95
C ASN B 130 7.57 -10.26 9.10
N PRO B 131 8.27 -11.40 9.11
CA PRO B 131 7.92 -12.47 8.14
C PRO B 131 6.53 -13.06 8.34
N ASP B 132 5.97 -12.97 9.55
CA ASP B 132 4.63 -13.50 9.76
C ASP B 132 3.54 -12.55 9.30
N SER B 133 3.92 -11.41 8.72
CA SER B 133 2.92 -10.46 8.25
C SER B 133 1.97 -11.10 7.25
N ARG B 134 0.68 -10.79 7.40
CA ARG B 134 -0.34 -11.27 6.48
C ARG B 134 -0.75 -10.20 5.47
N ARG B 135 0.07 -9.18 5.24
CA ARG B 135 -0.20 -8.14 4.24
C ARG B 135 1.05 -7.80 3.46
N LEU B 136 1.85 -8.80 3.06
CA LEU B 136 3.05 -8.56 2.28
C LEU B 136 2.67 -8.40 0.81
N ILE B 137 2.10 -7.24 0.47
CA ILE B 137 1.42 -7.06 -0.82
C ILE B 137 2.07 -5.96 -1.64
N VAL B 138 2.17 -6.19 -2.95
CA VAL B 138 2.47 -5.18 -3.95
C VAL B 138 1.29 -5.11 -4.90
N SER B 139 0.77 -3.92 -5.16
CA SER B 139 -0.33 -3.76 -6.09
C SER B 139 0.08 -2.88 -7.26
N ALA B 140 -0.31 -3.30 -8.48
CA ALA B 140 -0.20 -2.45 -9.64
C ALA B 140 -1.49 -1.72 -9.95
N TRP B 141 -2.58 -2.05 -9.26
CA TRP B 141 -3.91 -1.55 -9.60
C TRP B 141 -4.13 -0.19 -8.92
N ASN B 142 -3.43 0.80 -9.45
CA ASN B 142 -3.53 2.17 -8.93
C ASN B 142 -4.68 2.85 -9.64
N VAL B 143 -5.86 2.82 -9.02
CA VAL B 143 -7.12 3.20 -9.66
C VAL B 143 -7.02 4.57 -10.32
N ALA B 144 -6.51 5.56 -9.58
CA ALA B 144 -6.51 6.92 -10.11
C ALA B 144 -5.54 7.09 -11.26
N GLU B 145 -4.55 6.21 -11.36
CA GLU B 145 -3.52 6.34 -12.39
C GLU B 145 -3.78 5.49 -13.62
N ILE B 146 -4.70 4.52 -13.54
CA ILE B 146 -4.96 3.66 -14.70
C ILE B 146 -5.33 4.44 -15.95
N PRO B 147 -6.11 5.54 -15.90
CA PRO B 147 -6.39 6.27 -17.15
C PRO B 147 -5.15 6.85 -17.81
N ASN B 148 -4.03 6.95 -17.09
CA ASN B 148 -2.79 7.46 -17.63
C ASN B 148 -1.87 6.37 -18.17
N MET B 149 -2.24 5.09 -18.00
CA MET B 149 -1.47 3.95 -18.46
C MET B 149 -1.89 3.56 -19.88
N ALA B 150 -0.94 3.01 -20.64
CA ALA B 150 -1.27 2.53 -21.98
C ALA B 150 -2.32 1.44 -21.95
N LEU B 151 -2.36 0.64 -20.88
CA LEU B 151 -3.43 -0.32 -20.67
C LEU B 151 -3.46 -0.72 -19.20
N ALA B 152 -4.63 -1.21 -18.78
CA ALA B 152 -4.82 -1.59 -17.39
C ALA B 152 -3.94 -2.80 -17.06
N PRO B 153 -3.33 -2.83 -15.87
CA PRO B 153 -2.47 -3.93 -15.41
C PRO B 153 -3.17 -5.27 -15.50
OXT M0H B 154 -3.61 -9.15 -14.36
C M0H B 154 -2.73 -8.28 -14.91
CA M0H B 154 -3.12 -7.58 -16.21
N M0H B 154 -2.57 -6.24 -16.17
CB M0H B 154 -2.67 -8.48 -17.36
SG M0H B 154 -3.06 -7.74 -18.91
CD M0H B 154 -4.15 -8.93 -19.68
OE M0H B 154 -3.43 -9.63 -20.67
N HIS B 155 -1.55 -8.01 -14.38
CA HIS B 155 -1.14 -8.63 -13.14
C HIS B 155 -1.38 -7.67 -12.00
N ALA B 156 -2.57 -7.80 -11.39
CA ALA B 156 -3.12 -6.71 -10.62
C ALA B 156 -2.43 -6.52 -9.27
N MET B 157 -2.12 -7.61 -8.57
CA MET B 157 -1.41 -7.52 -7.30
CA MET B 157 -1.41 -7.52 -7.30
C MET B 157 -0.78 -8.87 -6.98
N PHE B 158 0.17 -8.85 -6.07
CA PHE B 158 0.72 -10.11 -5.59
C PHE B 158 1.02 -10.00 -4.11
N GLN B 159 1.19 -11.17 -3.48
CA GLN B 159 1.31 -11.27 -2.04
C GLN B 159 2.35 -12.33 -1.67
N PHE B 160 3.25 -12.00 -0.75
CA PHE B 160 4.21 -12.97 -0.23
C PHE B 160 3.70 -13.56 1.07
N TYR B 161 4.34 -14.65 1.49
CA TYR B 161 4.00 -15.36 2.71
C TYR B 161 5.22 -16.16 3.15
N VAL B 162 5.47 -16.21 4.45
CA VAL B 162 6.62 -16.94 5.00
C VAL B 162 6.13 -17.97 6.01
N ALA B 163 6.65 -19.19 5.89
CA ALA B 163 6.39 -20.23 6.87
C ALA B 163 7.53 -21.23 6.82
N ASP B 164 8.04 -21.61 7.99
CA ASP B 164 9.08 -22.64 8.12
C ASP B 164 10.29 -22.34 7.25
N GLY B 165 10.68 -21.07 7.22
CA GLY B 165 11.86 -20.60 6.49
C GLY B 165 11.70 -20.53 4.99
N LYS B 166 10.48 -20.66 4.48
CA LYS B 166 10.20 -20.73 3.05
C LYS B 166 9.32 -19.56 2.64
N LEU B 167 9.68 -18.91 1.54
CA LEU B 167 8.95 -17.77 1.02
C LEU B 167 8.03 -18.22 -0.13
N SER B 168 6.75 -17.91 -0.03
CA SER B 168 5.80 -18.17 -1.10
C SER B 168 5.30 -16.86 -1.70
N LEU B 169 4.68 -16.95 -2.89
CA LEU B 169 4.17 -15.79 -3.61
CA LEU B 169 4.16 -15.78 -3.59
C LEU B 169 2.89 -16.19 -4.31
N GLN B 170 1.87 -15.32 -4.23
CA GLN B 170 0.63 -15.51 -4.99
C GLN B 170 0.39 -14.30 -5.85
N LEU B 171 0.06 -14.52 -7.13
CA LEU B 171 -0.29 -13.48 -8.08
C LEU B 171 -1.79 -13.51 -8.34
N TYR B 172 -2.43 -12.34 -8.46
CA TYR B 172 -3.80 -12.27 -8.99
C TYR B 172 -3.75 -11.64 -10.38
N GLN B 173 -4.11 -12.43 -11.39
CA GLN B 173 -4.11 -11.99 -12.78
C GLN B 173 -5.55 -11.84 -13.25
N ARG B 174 -5.93 -10.63 -13.66
CA ARG B 174 -7.33 -10.37 -14.00
C ARG B 174 -7.76 -11.02 -15.31
N SER B 175 -6.83 -11.26 -16.23
CA SER B 175 -7.16 -11.77 -17.55
C SER B 175 -5.92 -12.43 -18.14
N ALA B 176 -6.10 -13.55 -18.83
CA ALA B 176 -4.94 -14.33 -19.26
C ALA B 176 -5.24 -15.07 -20.56
N ASP B 177 -4.31 -14.95 -21.52
CA ASP B 177 -4.31 -15.81 -22.70
C ASP B 177 -3.57 -17.09 -22.30
N VAL B 178 -4.30 -18.19 -22.13
CA VAL B 178 -3.68 -19.34 -21.50
C VAL B 178 -2.67 -20.00 -22.43
N PHE B 179 -2.91 -19.94 -23.75
CA PHE B 179 -1.96 -20.57 -24.66
C PHE B 179 -0.72 -19.70 -24.87
N LEU B 180 -0.91 -18.43 -25.23
CA LEU B 180 0.22 -17.58 -25.60
C LEU B 180 0.83 -16.86 -24.41
N GLY B 181 0.04 -16.47 -23.42
CA GLY B 181 0.54 -15.62 -22.37
C GLY B 181 0.94 -16.31 -21.08
N VAL B 182 0.13 -17.27 -20.64
CA VAL B 182 0.32 -17.85 -19.30
C VAL B 182 1.68 -18.52 -19.13
N PRO B 183 2.26 -19.21 -20.13
CA PRO B 183 3.63 -19.73 -19.94
C PRO B 183 4.61 -18.64 -19.54
N PHE B 184 4.54 -17.48 -20.20
CA PHE B 184 5.41 -16.36 -19.83
CA PHE B 184 5.38 -16.33 -19.85
C PHE B 184 5.04 -15.79 -18.46
N ASN B 185 3.74 -15.67 -18.17
CA ASN B 185 3.30 -15.06 -16.92
C ASN B 185 3.74 -15.88 -15.71
N ILE B 186 3.53 -17.20 -15.77
CA ILE B 186 3.96 -18.08 -14.70
C ILE B 186 5.45 -17.92 -14.45
N ALA B 187 6.24 -17.96 -15.51
CA ALA B 187 7.69 -17.89 -15.37
C ALA B 187 8.13 -16.56 -14.77
N SER B 188 7.50 -15.46 -15.18
CA SER B 188 7.89 -14.14 -14.67
CA SER B 188 7.90 -14.14 -14.67
C SER B 188 7.77 -14.08 -13.14
N TYR B 189 6.61 -14.47 -12.61
CA TYR B 189 6.42 -14.31 -11.17
C TYR B 189 7.06 -15.44 -10.37
N ALA B 190 7.20 -16.64 -10.94
CA ALA B 190 7.98 -17.67 -10.26
C ALA B 190 9.44 -17.24 -10.14
N LEU B 191 9.98 -16.63 -11.19
CA LEU B 191 11.33 -16.10 -11.14
C LEU B 191 11.45 -14.98 -10.11
N LEU B 192 10.47 -14.08 -10.06
CA LEU B 192 10.48 -13.04 -9.04
C LEU B 192 10.54 -13.65 -7.64
N LEU B 193 9.74 -14.70 -7.40
CA LEU B 193 9.78 -15.36 -6.11
C LEU B 193 11.18 -15.89 -5.78
N MET B 194 11.85 -16.51 -6.75
CA MET B 194 13.20 -17.03 -6.47
C MET B 194 14.17 -15.90 -6.15
N MET B 195 14.02 -14.76 -6.83
CA MET B 195 14.92 -13.63 -6.59
C MET B 195 14.71 -13.04 -5.21
N VAL B 196 13.45 -12.85 -4.81
CA VAL B 196 13.18 -12.26 -3.51
C VAL B 196 13.57 -13.22 -2.39
N ALA B 197 13.30 -14.51 -2.58
CA ALA B 197 13.75 -15.50 -1.60
C ALA B 197 15.26 -15.42 -1.40
N GLN B 198 16.03 -15.36 -2.48
CA GLN B 198 17.47 -15.28 -2.33
C GLN B 198 17.90 -14.05 -1.54
N VAL B 199 17.35 -12.88 -1.89
CA VAL B 199 17.87 -11.67 -1.25
C VAL B 199 17.32 -11.46 0.14
N THR B 200 16.31 -12.24 0.57
CA THR B 200 15.83 -12.18 1.94
C THR B 200 16.35 -13.34 2.79
N GLY B 201 17.22 -14.19 2.23
CA GLY B 201 17.82 -15.26 3.01
C GLY B 201 16.91 -16.44 3.27
N LEU B 202 15.83 -16.58 2.51
CA LEU B 202 14.85 -17.63 2.70
C LEU B 202 14.97 -18.67 1.60
N GLN B 203 14.42 -19.84 1.87
CA GLN B 203 14.32 -20.90 0.87
C GLN B 203 13.03 -20.70 0.07
N VAL B 204 12.99 -21.30 -1.12
CA VAL B 204 11.81 -21.08 -1.97
C VAL B 204 10.68 -21.98 -1.51
N GLY B 205 9.47 -21.40 -1.43
CA GLY B 205 8.25 -22.12 -1.14
C GLY B 205 7.42 -22.34 -2.38
N ASP B 206 6.13 -21.96 -2.33
CA ASP B 206 5.21 -22.21 -3.42
C ASP B 206 4.95 -20.93 -4.22
N TYR B 207 4.79 -21.08 -5.52
CA TYR B 207 4.26 -20.01 -6.37
C TYR B 207 2.80 -20.35 -6.67
N VAL B 208 1.89 -19.43 -6.34
CA VAL B 208 0.46 -19.63 -6.52
C VAL B 208 -0.03 -18.60 -7.53
N HIS B 209 -0.78 -19.03 -8.52
CA HIS B 209 -1.21 -18.17 -9.61
C HIS B 209 -2.74 -18.23 -9.67
N SER B 210 -3.40 -17.15 -9.28
CA SER B 210 -4.86 -17.08 -9.32
C SER B 210 -5.30 -16.23 -10.51
N PHE B 211 -6.44 -16.60 -11.10
CA PHE B 211 -6.88 -15.99 -12.35
C PHE B 211 -8.32 -15.49 -12.26
N GLY B 212 -8.56 -14.34 -12.87
CA GLY B 212 -9.93 -13.94 -13.19
C GLY B 212 -10.35 -14.59 -14.49
N ASP B 213 -10.37 -13.81 -15.57
CA ASP B 213 -10.70 -14.36 -16.88
C ASP B 213 -9.54 -15.17 -17.44
N VAL B 214 -9.81 -16.40 -17.86
CA VAL B 214 -8.83 -17.22 -18.58
C VAL B 214 -9.42 -17.60 -19.93
N HIS B 215 -8.68 -17.35 -21.00
CA HIS B 215 -9.27 -17.54 -22.33
C HIS B 215 -8.27 -18.13 -23.32
N ILE B 216 -8.82 -18.82 -24.30
CA ILE B 216 -8.10 -19.34 -25.45
C ILE B 216 -8.78 -18.77 -26.69
N TYR B 217 -7.98 -18.22 -27.60
CA TYR B 217 -8.51 -17.78 -28.89
C TYR B 217 -8.95 -19.00 -29.70
N ASN B 218 -10.14 -18.93 -30.29
CA ASN B 218 -10.67 -20.06 -31.03
C ASN B 218 -9.75 -20.46 -32.19
N ASN B 219 -9.00 -19.49 -32.75
CA ASN B 219 -8.05 -19.77 -33.83
C ASN B 219 -6.85 -20.58 -33.37
N HIS B 220 -6.59 -20.69 -32.06
CA HIS B 220 -5.44 -21.42 -31.55
C HIS B 220 -5.80 -22.83 -31.10
N PHE B 221 -7.03 -23.28 -31.36
CA PHE B 221 -7.44 -24.60 -30.88
C PHE B 221 -6.55 -25.70 -31.45
N GLU B 222 -6.18 -25.59 -32.73
CA GLU B 222 -5.31 -26.60 -33.34
C GLU B 222 -3.98 -26.68 -32.60
N GLN B 223 -3.37 -25.52 -32.33
CA GLN B 223 -2.11 -25.51 -31.57
C GLN B 223 -2.30 -26.08 -30.17
N VAL B 224 -3.43 -25.78 -29.54
CA VAL B 224 -3.65 -26.24 -28.17
C VAL B 224 -3.78 -27.76 -28.12
N ASN B 225 -4.60 -28.33 -29.01
CA ASN B 225 -4.70 -29.79 -29.02
C ASN B 225 -3.40 -30.44 -29.46
N ARG B 226 -2.63 -29.79 -30.33
CA ARG B 226 -1.30 -30.29 -30.65
C ARG B 226 -0.41 -30.33 -29.41
N GLN B 227 -0.49 -29.29 -28.57
CA GLN B 227 0.33 -29.27 -27.36
C GLN B 227 -0.16 -30.29 -26.34
N LEU B 228 -1.48 -30.50 -26.25
CA LEU B 228 -2.02 -31.45 -25.30
C LEU B 228 -1.69 -32.89 -25.65
N SER B 229 -1.27 -33.16 -26.89
CA SER B 229 -0.88 -34.50 -27.31
C SER B 229 0.59 -34.79 -27.04
N ARG B 230 1.38 -33.78 -26.69
CA ARG B 230 2.80 -33.98 -26.41
C ARG B 230 3.00 -34.41 -24.96
N ASP B 231 3.84 -35.41 -24.75
CA ASP B 231 4.10 -35.91 -23.40
C ASP B 231 5.04 -34.96 -22.67
N PRO B 232 4.72 -34.55 -21.44
CA PRO B 232 5.56 -33.59 -20.73
C PRO B 232 6.94 -34.14 -20.43
N LYS B 233 7.89 -33.22 -20.19
CA LYS B 233 9.27 -33.55 -19.89
C LYS B 233 9.64 -33.02 -18.50
N PRO B 234 10.75 -33.47 -17.93
CA PRO B 234 11.13 -33.01 -16.58
C PRO B 234 11.35 -31.50 -16.55
N LEU B 235 10.96 -30.89 -15.43
CA LEU B 235 11.09 -29.44 -15.31
C LEU B 235 12.56 -29.03 -15.31
N PRO B 236 12.89 -27.88 -15.88
CA PRO B 236 14.26 -27.36 -15.79
C PRO B 236 14.57 -26.84 -14.39
N VAL B 237 15.80 -26.39 -14.20
CA VAL B 237 16.25 -25.82 -12.94
C VAL B 237 16.79 -24.42 -13.23
N MET B 238 16.30 -23.45 -12.49
CA MET B 238 16.78 -22.08 -12.60
C MET B 238 17.83 -21.84 -11.51
N LYS B 239 19.05 -21.49 -11.93
CA LYS B 239 20.14 -21.19 -11.01
C LYS B 239 20.41 -19.69 -11.04
N LEU B 240 20.39 -19.08 -9.85
CA LEU B 240 20.74 -17.66 -9.67
C LEU B 240 22.16 -17.53 -9.17
N ASN B 241 22.84 -16.47 -9.64
CA ASN B 241 24.14 -16.07 -9.11
C ASN B 241 24.00 -15.85 -7.61
N PRO B 242 24.61 -16.70 -6.78
CA PRO B 242 24.40 -16.61 -5.33
C PRO B 242 24.98 -15.35 -4.69
N ASP B 243 25.82 -14.60 -5.40
CA ASP B 243 26.44 -13.41 -4.81
C ASP B 243 25.52 -12.19 -4.80
N VAL B 244 24.38 -12.24 -5.49
CA VAL B 244 23.45 -11.11 -5.51
C VAL B 244 22.69 -11.08 -4.20
N LYS B 245 22.82 -9.98 -3.44
CA LYS B 245 22.15 -9.88 -2.15
C LYS B 245 21.15 -8.72 -2.10
N ASP B 246 20.92 -8.05 -3.22
CA ASP B 246 20.06 -6.86 -3.30
C ASP B 246 19.15 -7.05 -4.51
N ILE B 247 17.84 -6.87 -4.33
CA ILE B 247 16.87 -7.13 -5.40
C ILE B 247 17.17 -6.28 -6.64
N PHE B 248 17.80 -5.11 -6.46
CA PHE B 248 18.05 -4.20 -7.56
C PHE B 248 19.38 -4.45 -8.24
N ASP B 249 20.12 -5.47 -7.79
CA ASP B 249 21.46 -5.74 -8.29
CA ASP B 249 21.46 -5.76 -8.28
C ASP B 249 21.50 -6.91 -9.28
N PHE B 250 20.35 -7.48 -9.64
CA PHE B 250 20.38 -8.58 -10.60
C PHE B 250 20.65 -8.06 -12.02
N LYS B 251 21.44 -8.81 -12.77
CA LYS B 251 21.75 -8.55 -14.16
C LYS B 251 21.35 -9.76 -14.98
N PHE B 252 21.26 -9.59 -16.29
CA PHE B 252 20.80 -10.69 -17.15
C PHE B 252 21.70 -11.90 -16.99
N GLU B 253 23.01 -11.69 -16.84
CA GLU B 253 23.96 -12.79 -16.74
C GLU B 253 23.86 -13.56 -15.43
N ASP B 254 23.05 -13.09 -14.46
CA ASP B 254 22.92 -13.77 -13.19
C ASP B 254 21.93 -14.92 -13.23
N PHE B 255 21.35 -15.22 -14.38
CA PHE B 255 20.32 -16.25 -14.52
C PHE B 255 20.83 -17.34 -15.44
N GLU B 256 20.69 -18.60 -15.01
CA GLU B 256 21.06 -19.74 -15.83
C GLU B 256 20.00 -20.82 -15.69
N LEU B 257 19.34 -21.14 -16.80
CA LEU B 257 18.34 -22.20 -16.84
C LEU B 257 19.01 -23.49 -17.27
N LEU B 258 18.88 -24.53 -16.46
CA LEU B 258 19.56 -25.80 -16.71
C LEU B 258 18.55 -26.87 -17.09
N ASN B 259 18.96 -27.75 -18.00
CA ASN B 259 18.19 -28.96 -18.35
C ASN B 259 16.84 -28.62 -18.96
N TYR B 260 16.81 -27.60 -19.81
CA TYR B 260 15.59 -27.22 -20.53
C TYR B 260 15.72 -27.71 -21.97
N ASP B 261 15.02 -28.81 -22.28
CA ASP B 261 14.99 -29.39 -23.62
C ASP B 261 13.52 -29.52 -24.04
N PRO B 262 12.87 -28.39 -24.37
CA PRO B 262 11.44 -28.42 -24.65
C PRO B 262 11.14 -29.03 -26.02
N HIS B 263 9.86 -29.34 -26.23
CA HIS B 263 9.37 -29.63 -27.56
C HIS B 263 9.50 -28.37 -28.42
N PRO B 264 9.50 -28.50 -29.75
CA PRO B 264 9.57 -27.32 -30.60
C PRO B 264 8.44 -26.35 -30.33
N GLY B 265 8.68 -25.07 -30.59
CA GLY B 265 7.68 -24.04 -30.37
C GLY B 265 6.57 -24.04 -31.41
N MET C 9 -21.85 -27.51 0.90
CA MET C 9 -20.77 -26.59 1.20
C MET C 9 -19.55 -27.32 1.77
N GLN C 10 -19.35 -28.56 1.32
CA GLN C 10 -18.21 -29.35 1.80
C GLN C 10 -16.87 -28.70 1.43
N ASN C 11 -16.83 -27.85 0.41
CA ASN C 11 -15.57 -27.22 0.04
C ASN C 11 -15.01 -26.39 1.20
N TYR C 12 -15.89 -25.73 1.96
CA TYR C 12 -15.45 -24.98 3.14
C TYR C 12 -14.94 -25.92 4.24
N LEU C 13 -15.64 -27.04 4.46
CA LEU C 13 -15.16 -28.02 5.45
C LEU C 13 -13.83 -28.63 5.05
N HIS C 14 -13.61 -28.85 3.75
CA HIS C 14 -12.31 -29.37 3.31
C HIS C 14 -11.19 -28.37 3.60
N LEU C 15 -11.48 -27.07 3.49
CA LEU C 15 -10.49 -26.04 3.84
C LEU C 15 -10.16 -26.07 5.32
N LEU C 16 -11.18 -26.18 6.19
CA LEU C 16 -10.91 -26.32 7.61
C LEU C 16 -9.99 -27.51 7.88
N GLN C 17 -10.32 -28.67 7.32
CA GLN C 17 -9.56 -29.89 7.60
C GLN C 17 -8.15 -29.81 7.01
N ASP C 18 -8.02 -29.19 5.84
CA ASP C 18 -6.70 -29.04 5.22
C ASP C 18 -5.78 -28.24 6.11
N ILE C 19 -6.28 -27.14 6.68
CA ILE C 19 -5.47 -26.31 7.56
C ILE C 19 -5.08 -27.08 8.83
N LEU C 20 -6.03 -27.79 9.44
CA LEU C 20 -5.74 -28.55 10.64
C LEU C 20 -4.64 -29.58 10.38
N ASP C 21 -4.74 -30.29 9.27
CA ASP C 21 -3.82 -31.39 9.00
C ASP C 21 -2.47 -30.90 8.51
N ASN C 22 -2.47 -29.86 7.67
CA ASN C 22 -1.28 -29.51 6.91
C ASN C 22 -0.72 -28.12 7.21
N GLY C 23 -1.45 -27.30 7.95
CA GLY C 23 -1.02 -25.93 8.16
C GLY C 23 0.21 -25.83 9.05
N SER C 24 0.87 -24.67 8.96
CA SER C 24 2.08 -24.37 9.70
C SER C 24 1.73 -23.60 10.97
N ASP C 25 2.30 -24.03 12.10
CA ASP C 25 2.01 -23.39 13.37
C ASP C 25 2.86 -22.14 13.57
N LYS C 26 2.23 -21.09 14.11
CA LYS C 26 2.89 -19.83 14.37
C LYS C 26 2.37 -19.25 15.68
N THR C 27 3.12 -18.28 16.22
CA THR C 27 2.81 -17.62 17.48
C THR C 27 3.09 -16.13 17.33
N ASP C 28 2.13 -15.30 17.75
CA ASP C 28 2.32 -13.85 17.63
C ASP C 28 3.00 -13.31 18.88
N ARG C 29 3.15 -11.98 18.95
CA ARG C 29 3.81 -11.34 20.09
C ARG C 29 3.04 -11.51 21.39
N THR C 30 1.72 -11.71 21.31
CA THR C 30 0.91 -11.97 22.50
C THR C 30 0.91 -13.43 22.91
N GLY C 31 1.59 -14.30 22.16
CA GLY C 31 1.60 -15.72 22.44
C GLY C 31 0.51 -16.51 21.74
N THR C 32 -0.41 -15.83 21.03
CA THR C 32 -1.54 -16.50 20.41
C THR C 32 -1.07 -17.35 19.24
N GLY C 33 -1.51 -18.61 19.21
CA GLY C 33 -1.10 -19.55 18.18
C GLY C 33 -2.10 -19.64 17.04
N THR C 34 -1.58 -19.70 15.82
CA THR C 34 -2.38 -19.97 14.63
C THR C 34 -1.74 -21.08 13.81
N ARG C 35 -2.56 -21.71 12.98
CA ARG C 35 -2.09 -22.72 12.02
C ARG C 35 -2.57 -22.27 10.65
N SER C 36 -1.67 -22.21 9.68
CA SER C 36 -2.01 -21.50 8.45
C SER C 36 -1.51 -22.23 7.21
N LEU C 37 -2.20 -21.97 6.11
CA LEU C 37 -1.79 -22.31 4.75
C LEU C 37 -1.83 -21.04 3.91
N PHE C 38 -1.27 -21.13 2.70
CA PHE C 38 -1.25 -20.00 1.80
C PHE C 38 -1.72 -20.42 0.42
N GLY C 39 -2.69 -19.67 -0.12
CA GLY C 39 -3.22 -19.92 -1.45
C GLY C 39 -4.33 -20.94 -1.45
N TYR C 40 -5.56 -20.48 -1.65
CA TYR C 40 -6.69 -21.39 -1.67
C TYR C 40 -7.78 -20.75 -2.53
N GLN C 41 -8.71 -21.56 -3.01
CA GLN C 41 -9.82 -21.01 -3.79
C GLN C 41 -11.07 -21.85 -3.58
N LEU C 42 -12.19 -21.16 -3.35
CA LEU C 42 -13.53 -21.76 -3.25
C LEU C 42 -14.41 -21.17 -4.34
N ARG C 43 -15.46 -21.91 -4.72
CA ARG C 43 -16.45 -21.28 -5.59
C ARG C 43 -17.82 -21.89 -5.35
N TYR C 44 -18.84 -21.07 -5.67
CA TYR C 44 -20.23 -21.41 -5.44
C TYR C 44 -21.03 -20.96 -6.65
N ASP C 45 -21.84 -21.86 -7.20
CA ASP C 45 -22.82 -21.50 -8.21
C ASP C 45 -24.01 -20.93 -7.44
N LEU C 46 -24.22 -19.62 -7.53
CA LEU C 46 -25.26 -18.97 -6.74
C LEU C 46 -26.67 -19.35 -7.18
N SER C 47 -26.83 -19.95 -8.35
CA SER C 47 -28.17 -20.43 -8.71
C SER C 47 -28.58 -21.67 -7.93
N LYS C 48 -27.63 -22.31 -7.24
CA LYS C 48 -27.85 -23.52 -6.48
C LYS C 48 -28.09 -23.23 -5.00
N GLY C 49 -28.19 -21.97 -4.61
CA GLY C 49 -28.42 -21.63 -3.22
C GLY C 49 -27.48 -20.57 -2.67
N PHE C 50 -27.87 -19.98 -1.54
CA PHE C 50 -27.04 -18.94 -0.95
C PHE C 50 -26.00 -19.57 -0.03
N PRO C 51 -24.70 -19.29 -0.23
CA PRO C 51 -23.67 -20.04 0.51
C PRO C 51 -23.48 -19.53 1.93
N LEU C 52 -24.51 -19.75 2.76
CA LEU C 52 -24.42 -19.55 4.19
C LEU C 52 -23.93 -20.88 4.76
N VAL C 53 -22.60 -21.02 4.85
CA VAL C 53 -21.96 -22.33 4.87
C VAL C 53 -21.49 -22.71 6.27
N THR C 54 -22.04 -22.11 7.31
CA THR C 54 -21.72 -22.49 8.68
C THR C 54 -23.00 -22.67 9.49
N THR C 55 -23.00 -23.66 10.36
CA THR C 55 -24.07 -23.82 11.34
C THR C 55 -23.95 -22.85 12.51
N LYS C 56 -22.77 -22.27 12.70
CA LYS C 56 -22.57 -21.28 13.74
C LYS C 56 -23.23 -19.96 13.35
N LYS C 57 -23.31 -19.06 14.32
CA LYS C 57 -23.95 -17.76 14.10
C LYS C 57 -23.23 -16.99 13.00
N VAL C 58 -23.98 -16.69 11.93
CA VAL C 58 -23.58 -15.74 10.91
C VAL C 58 -24.72 -14.74 10.80
N HIS C 59 -24.48 -13.51 11.24
CA HIS C 59 -25.57 -12.56 11.48
C HIS C 59 -25.89 -11.84 10.17
N LEU C 60 -26.95 -12.30 9.50
CA LEU C 60 -27.28 -11.75 8.17
C LEU C 60 -27.61 -10.26 8.24
N LYS C 61 -28.26 -9.80 9.34
CA LYS C 61 -28.51 -8.37 9.47
C LYS C 61 -27.21 -7.56 9.42
N SER C 62 -26.16 -8.07 10.06
CA SER C 62 -24.87 -7.38 10.04
C SER C 62 -24.26 -7.41 8.65
N ILE C 63 -24.37 -8.54 7.96
CA ILE C 63 -23.89 -8.62 6.57
C ILE C 63 -24.55 -7.55 5.73
N ILE C 64 -25.87 -7.42 5.84
CA ILE C 64 -26.61 -6.51 4.96
C ILE C 64 -26.26 -5.07 5.27
N TYR C 65 -26.31 -4.68 6.55
CA TYR C 65 -26.04 -3.28 6.88
C TYR C 65 -24.60 -2.90 6.57
N GLU C 66 -23.65 -3.85 6.73
CA GLU C 66 -22.28 -3.52 6.33
C GLU C 66 -22.19 -3.22 4.84
N LEU C 67 -22.88 -4.01 4.00
CA LEU C 67 -22.85 -3.72 2.56
C LEU C 67 -23.54 -2.39 2.25
N LEU C 68 -24.70 -2.15 2.85
CA LEU C 68 -25.38 -0.86 2.62
C LEU C 68 -24.48 0.30 3.01
N TRP C 69 -23.75 0.14 4.12
CA TRP C 69 -22.83 1.14 4.62
C TRP C 69 -21.67 1.37 3.65
N PHE C 70 -21.08 0.28 3.13
CA PHE C 70 -20.03 0.40 2.10
C PHE C 70 -20.54 1.18 0.90
N LEU C 71 -21.73 0.82 0.41
CA LEU C 71 -22.23 1.39 -0.82
C LEU C 71 -22.59 2.87 -0.67
N LYS C 72 -22.90 3.31 0.57
CA LYS C 72 -23.10 4.73 0.87
C LYS C 72 -21.81 5.51 0.89
N GLY C 73 -20.65 4.84 0.87
CA GLY C 73 -19.37 5.49 0.99
C GLY C 73 -18.96 5.86 2.40
N ASP C 74 -19.65 5.30 3.39
CA ASP C 74 -19.50 5.68 4.79
C ASP C 74 -18.34 4.91 5.43
N THR C 75 -17.54 5.60 6.25
CA THR C 75 -16.51 4.92 7.04
C THR C 75 -16.62 5.24 8.53
N ASN C 76 -17.72 5.83 8.98
CA ASN C 76 -17.98 6.05 10.38
C ASN C 76 -19.01 5.04 10.84
N ILE C 77 -18.81 4.46 12.02
CA ILE C 77 -19.65 3.33 12.44
C ILE C 77 -21.01 3.75 12.96
N LYS C 78 -21.30 5.06 13.05
CA LYS C 78 -22.58 5.49 13.63
C LYS C 78 -23.76 4.80 12.95
N TYR C 79 -23.75 4.77 11.61
CA TYR C 79 -24.83 4.13 10.85
C TYR C 79 -25.00 2.66 11.27
N LEU C 80 -23.88 1.95 11.46
CA LEU C 80 -24.00 0.56 11.91
C LEU C 80 -24.55 0.49 13.33
N LYS C 81 -24.01 1.31 14.23
CA LYS C 81 -24.49 1.26 15.62
C LYS C 81 -25.95 1.66 15.72
N ASP C 82 -26.38 2.64 14.92
CA ASP C 82 -27.79 3.02 14.95
C ASP C 82 -28.69 1.88 14.49
N ASN C 83 -28.14 0.89 13.78
CA ASN C 83 -28.90 -0.25 13.30
C ASN C 83 -28.55 -1.53 14.04
N GLY C 84 -27.94 -1.43 15.22
CA GLY C 84 -27.70 -2.59 16.06
C GLY C 84 -26.60 -3.50 15.57
N VAL C 85 -25.64 -2.97 14.81
CA VAL C 85 -24.57 -3.73 14.18
C VAL C 85 -23.25 -3.26 14.76
N SER C 86 -22.52 -4.15 15.42
CA SER C 86 -21.34 -3.80 16.19
C SER C 86 -20.05 -4.39 15.63
N ILE C 87 -20.08 -4.94 14.42
CA ILE C 87 -18.92 -5.71 13.92
C ILE C 87 -17.66 -4.87 13.77
N TRP C 88 -17.79 -3.55 13.60
CA TRP C 88 -16.61 -2.69 13.45
C TRP C 88 -16.27 -1.90 14.70
N ASP C 89 -16.99 -2.12 15.81
CA ASP C 89 -16.82 -1.28 17.01
C ASP C 89 -15.39 -1.29 17.53
N GLU C 90 -14.72 -2.45 17.53
CA GLU C 90 -13.42 -2.55 18.17
C GLU C 90 -12.33 -1.77 17.45
N TRP C 91 -12.57 -1.36 16.18
CA TRP C 91 -11.53 -0.73 15.39
C TRP C 91 -11.69 0.77 15.23
N ALA C 92 -12.86 1.32 15.55
CA ALA C 92 -13.13 2.74 15.35
C ALA C 92 -12.48 3.58 16.44
N ASP C 93 -12.24 4.85 16.12
CA ASP C 93 -11.66 5.77 17.08
C ASP C 93 -12.77 6.40 17.94
N GLU C 94 -12.41 7.40 18.76
CA GLU C 94 -13.36 7.96 19.71
C GLU C 94 -14.55 8.62 19.03
N ASN C 95 -14.39 9.05 17.78
CA ASN C 95 -15.47 9.64 17.01
C ASN C 95 -16.20 8.63 16.14
N GLY C 96 -15.85 7.34 16.26
CA GLY C 96 -16.45 6.34 15.40
C GLY C 96 -15.82 6.19 14.03
N ASP C 97 -14.71 6.88 13.76
CA ASP C 97 -14.09 6.89 12.44
C ASP C 97 -13.12 5.71 12.27
N LEU C 98 -13.07 5.18 11.05
CA LEU C 98 -12.16 4.11 10.68
C LEU C 98 -11.09 4.56 9.69
N GLY C 99 -11.14 5.80 9.22
CA GLY C 99 -10.28 6.21 8.14
C GLY C 99 -10.83 5.70 6.83
N PRO C 100 -10.09 5.84 5.75
CA PRO C 100 -10.63 5.59 4.41
C PRO C 100 -10.65 4.10 4.03
N VAL C 101 -11.38 3.31 4.80
CA VAL C 101 -11.55 1.88 4.54
C VAL C 101 -12.56 1.68 3.41
N TYR C 102 -13.15 0.48 3.32
CA TYR C 102 -13.89 0.05 2.13
C TYR C 102 -14.84 1.10 1.54
N GLY C 103 -15.75 1.65 2.35
CA GLY C 103 -16.72 2.60 1.79
C GLY C 103 -16.06 3.76 1.07
N ALA C 104 -14.96 4.26 1.63
CA ALA C 104 -14.24 5.37 1.02
C ALA C 104 -13.58 4.95 -0.27
N GLN C 105 -12.98 3.75 -0.30
CA GLN C 105 -12.32 3.35 -1.54
C GLN C 105 -13.34 2.97 -2.61
N TRP C 106 -14.45 2.34 -2.21
CA TRP C 106 -15.45 1.94 -3.18
C TRP C 106 -16.09 3.15 -3.88
N ARG C 107 -16.37 4.22 -3.12
CA ARG C 107 -17.12 5.34 -3.66
C ARG C 107 -16.27 6.59 -3.93
N SER C 108 -15.04 6.65 -3.43
CA SER C 108 -14.29 7.89 -3.44
C SER C 108 -12.79 7.65 -3.26
N TRP C 109 -12.25 6.69 -4.00
CA TRP C 109 -10.81 6.43 -3.97
C TRP C 109 -10.03 7.71 -4.26
N ARG C 110 -9.16 8.10 -3.34
CA ARG C 110 -8.42 9.35 -3.44
C ARG C 110 -7.03 9.09 -4.00
N GLY C 111 -6.67 9.83 -5.05
CA GLY C 111 -5.35 9.71 -5.67
C GLY C 111 -4.66 11.03 -5.83
N ALA C 112 -3.59 11.09 -6.63
CA ALA C 112 -2.82 12.31 -6.79
C ALA C 112 -3.70 13.41 -7.39
N ASP C 113 -3.31 14.65 -7.11
CA ASP C 113 -3.94 15.83 -7.72
C ASP C 113 -5.45 15.83 -7.51
N ASN C 114 -5.86 15.49 -6.28
CA ASN C 114 -7.25 15.56 -5.84
C ASN C 114 -8.20 14.73 -6.70
N LYS C 115 -7.67 13.78 -7.48
CA LYS C 115 -8.53 12.86 -8.23
C LYS C 115 -9.25 11.94 -7.26
N VAL C 116 -10.55 11.76 -7.47
CA VAL C 116 -11.39 10.90 -6.66
C VAL C 116 -12.20 10.02 -7.60
N VAL C 117 -12.22 8.71 -7.34
CA VAL C 117 -12.83 7.77 -8.27
C VAL C 117 -13.95 7.00 -7.58
N ASP C 118 -15.14 7.06 -8.15
CA ASP C 118 -16.28 6.27 -7.67
C ASP C 118 -16.26 4.94 -8.42
N GLN C 119 -15.61 3.95 -7.82
CA GLN C 119 -15.42 2.66 -8.50
C GLN C 119 -16.72 1.90 -8.66
N ILE C 120 -17.64 2.01 -7.70
CA ILE C 120 -18.90 1.26 -7.80
C ILE C 120 -19.73 1.76 -8.98
N SER C 121 -19.91 3.08 -9.08
CA SER C 121 -20.68 3.62 -10.20
C SER C 121 -20.03 3.27 -11.53
N GLU C 122 -18.69 3.34 -11.59
CA GLU C 122 -18.03 3.06 -12.86
CA GLU C 122 -18.00 3.06 -12.85
C GLU C 122 -18.17 1.60 -13.25
N VAL C 123 -18.04 0.68 -12.30
CA VAL C 123 -18.04 -0.74 -12.69
C VAL C 123 -19.44 -1.17 -13.11
N ILE C 124 -20.47 -0.64 -12.45
CA ILE C 124 -21.81 -1.00 -12.87
C ILE C 124 -22.10 -0.46 -14.26
N ASP C 125 -21.61 0.75 -14.55
CA ASP C 125 -21.77 1.30 -15.90
C ASP C 125 -21.06 0.41 -16.92
N GLN C 126 -19.89 -0.11 -16.56
CA GLN C 126 -19.10 -0.98 -17.44
CA GLN C 126 -19.18 -0.93 -17.53
C GLN C 126 -19.78 -2.33 -17.66
N ILE C 127 -20.36 -2.90 -16.60
CA ILE C 127 -21.06 -4.17 -16.76
C ILE C 127 -22.20 -4.03 -17.78
N LYS C 128 -22.93 -2.91 -17.70
CA LYS C 128 -24.08 -2.72 -18.58
C LYS C 128 -23.65 -2.44 -20.02
N LYS C 129 -22.61 -1.65 -20.22
CA LYS C 129 -22.23 -1.18 -21.53
C LYS C 129 -21.14 -2.02 -22.19
N ASN C 130 -20.32 -2.71 -21.39
CA ASN C 130 -19.18 -3.47 -21.88
C ASN C 130 -19.07 -4.78 -21.12
N PRO C 131 -20.10 -5.64 -21.20
CA PRO C 131 -20.14 -6.82 -20.32
C PRO C 131 -18.97 -7.78 -20.54
N ASP C 132 -18.38 -7.78 -21.73
CA ASP C 132 -17.24 -8.65 -21.99
C ASP C 132 -15.93 -8.07 -21.49
N SER C 133 -15.95 -6.93 -20.81
CA SER C 133 -14.73 -6.35 -20.24
C SER C 133 -14.00 -7.35 -19.35
N ARG C 134 -12.68 -7.41 -19.51
CA ARG C 134 -11.85 -8.26 -18.66
C ARG C 134 -11.17 -7.47 -17.54
N ARG C 135 -11.69 -6.28 -17.20
CA ARG C 135 -11.15 -5.46 -16.12
C ARG C 135 -12.28 -4.82 -15.31
N LEU C 136 -13.32 -5.59 -15.00
CA LEU C 136 -14.43 -5.10 -14.17
C LEU C 136 -14.03 -5.23 -12.70
N ILE C 137 -13.19 -4.31 -12.25
CA ILE C 137 -12.47 -4.46 -10.98
C ILE C 137 -12.77 -3.30 -10.04
N VAL C 138 -12.96 -3.63 -8.76
CA VAL C 138 -13.01 -2.67 -7.66
C VAL C 138 -11.90 -3.04 -6.69
N SER C 139 -11.05 -2.07 -6.33
CA SER C 139 -9.96 -2.35 -5.40
C SER C 139 -10.10 -1.51 -4.14
N ALA C 140 -9.85 -2.13 -2.99
CA ALA C 140 -9.75 -1.40 -1.73
C ALA C 140 -8.30 -1.14 -1.35
N TRP C 141 -7.36 -1.72 -2.08
CA TRP C 141 -5.95 -1.68 -1.69
C TRP C 141 -5.33 -0.38 -2.22
N ASN C 142 -5.69 0.71 -1.58
CA ASN C 142 -5.17 2.03 -1.96
C ASN C 142 -3.88 2.26 -1.17
N VAL C 143 -2.76 1.91 -1.79
CA VAL C 143 -1.48 1.81 -1.08
C VAL C 143 -1.19 3.07 -0.26
N ALA C 144 -1.35 4.24 -0.87
CA ALA C 144 -0.93 5.47 -0.19
C ALA C 144 -1.86 5.85 0.94
N GLU C 145 -3.07 5.29 0.98
CA GLU C 145 -4.05 5.61 2.01
C GLU C 145 -4.12 4.57 3.13
N ILE C 146 -3.50 3.41 2.94
CA ILE C 146 -3.57 2.37 3.97
C ILE C 146 -3.07 2.86 5.33
N PRO C 147 -2.01 3.67 5.42
CA PRO C 147 -1.61 4.16 6.75
C PRO C 147 -2.68 4.95 7.48
N ASN C 148 -3.67 5.49 6.77
CA ASN C 148 -4.73 6.27 7.39
C ASN C 148 -5.91 5.40 7.84
N MET C 149 -5.93 4.13 7.45
CA MET C 149 -7.03 3.22 7.77
C MET C 149 -6.81 2.57 9.13
N ALA C 150 -7.92 2.22 9.80
CA ALA C 150 -7.79 1.52 11.07
C ALA C 150 -7.07 0.20 10.92
N LEU C 151 -7.24 -0.46 9.76
CA LEU C 151 -6.39 -1.60 9.45
C LEU C 151 -6.37 -1.76 7.93
N ALA C 152 -5.38 -2.52 7.46
CA ALA C 152 -5.27 -2.73 6.03
C ALA C 152 -6.41 -3.64 5.56
N PRO C 153 -7.00 -3.35 4.40
CA PRO C 153 -8.13 -4.15 3.91
C PRO C 153 -7.84 -5.63 3.87
OXT M0H C 154 -8.48 -9.27 2.24
C M0H C 154 -9.08 -8.24 2.87
CA M0H C 154 -8.61 -7.88 4.29
N M0H C 154 -8.73 -6.45 4.43
CB M0H C 154 -9.47 -8.72 5.27
SG M0H C 154 -8.97 -8.38 6.94
CD M0H C 154 -7.98 -9.78 7.39
OE M0H C 154 -8.47 -10.34 8.58
N HIS C 155 -10.08 -7.56 2.36
CA HIS C 155 -10.63 -7.88 1.06
C HIS C 155 -10.05 -6.91 0.03
N ALA C 156 -8.92 -7.33 -0.54
CA ALA C 156 -8.06 -6.42 -1.29
C ALA C 156 -8.71 -5.89 -2.56
N MET C 157 -9.37 -6.75 -3.34
CA MET C 157 -10.01 -6.34 -4.59
CA MET C 157 -9.98 -6.36 -4.61
C MET C 157 -10.94 -7.44 -5.03
N PHE C 158 -11.86 -7.08 -5.92
CA PHE C 158 -12.77 -8.05 -6.54
C PHE C 158 -13.02 -7.70 -8.01
N GLN C 159 -13.44 -8.70 -8.77
CA GLN C 159 -13.58 -8.61 -10.22
C GLN C 159 -14.89 -9.26 -10.63
N PHE C 160 -15.64 -8.57 -11.50
CA PHE C 160 -16.81 -9.16 -12.12
C PHE C 160 -16.49 -9.77 -13.48
N TYR C 161 -17.43 -10.57 -13.97
CA TYR C 161 -17.30 -11.28 -15.24
C TYR C 161 -18.70 -11.63 -15.72
N VAL C 162 -18.94 -11.48 -17.04
CA VAL C 162 -20.25 -11.76 -17.63
C VAL C 162 -20.07 -12.81 -18.71
N ALA C 163 -20.91 -13.84 -18.69
CA ALA C 163 -20.93 -14.84 -19.75
C ALA C 163 -22.32 -15.44 -19.83
N ASP C 164 -22.85 -15.50 -21.04
CA ASP C 164 -24.15 -16.11 -21.33
C ASP C 164 -25.24 -15.54 -20.41
N GLY C 165 -25.22 -14.23 -20.23
CA GLY C 165 -26.23 -13.54 -19.46
C GLY C 165 -26.12 -13.72 -17.96
N LYS C 166 -25.01 -14.26 -17.47
CA LYS C 166 -24.79 -14.50 -16.05
C LYS C 166 -23.62 -13.68 -15.56
N LEU C 167 -23.78 -13.10 -14.36
CA LEU C 167 -22.75 -12.29 -13.73
C LEU C 167 -22.02 -13.08 -12.65
N SER C 168 -20.70 -13.09 -12.69
CA SER C 168 -19.89 -13.74 -11.68
C SER C 168 -19.02 -12.70 -10.99
N LEU C 169 -18.52 -13.07 -9.81
CA LEU C 169 -17.71 -12.19 -8.96
CA LEU C 169 -17.67 -12.20 -9.02
C LEU C 169 -16.59 -13.03 -8.35
N GLN C 170 -15.35 -12.52 -8.39
CA GLN C 170 -14.23 -13.15 -7.68
C GLN C 170 -13.65 -12.15 -6.69
N LEU C 171 -13.47 -12.58 -5.45
CA LEU C 171 -12.80 -11.82 -4.41
C LEU C 171 -11.39 -12.33 -4.17
N TYR C 172 -10.46 -11.41 -3.93
CA TYR C 172 -9.13 -11.79 -3.42
C TYR C 172 -9.01 -11.29 -1.99
N GLN C 173 -8.90 -12.23 -1.06
CA GLN C 173 -8.81 -11.93 0.37
C GLN C 173 -7.40 -12.27 0.84
N ARG C 174 -6.71 -11.27 1.39
CA ARG C 174 -5.29 -11.47 1.72
C ARG C 174 -5.08 -12.32 2.96
N SER C 175 -6.06 -12.35 3.87
CA SER C 175 -5.90 -13.03 5.13
C SER C 175 -7.28 -13.36 5.66
N ALA C 176 -7.42 -14.55 6.23
CA ALA C 176 -8.76 -15.04 6.59
C ALA C 176 -8.69 -15.95 7.80
N ASP C 177 -9.54 -15.65 8.79
CA ASP C 177 -9.80 -16.57 9.90
C ASP C 177 -10.89 -17.51 9.40
N VAL C 178 -10.50 -18.75 9.08
CA VAL C 178 -11.43 -19.62 8.38
C VAL C 178 -12.58 -20.03 9.29
N PHE C 179 -12.34 -20.10 10.61
CA PHE C 179 -13.39 -20.52 11.51
C PHE C 179 -14.34 -19.39 11.88
N LEU C 180 -13.80 -18.24 12.31
CA LEU C 180 -14.65 -17.15 12.78
C LEU C 180 -15.08 -16.19 11.69
N GLY C 181 -14.25 -15.98 10.67
CA GLY C 181 -14.51 -14.90 9.73
C GLY C 181 -15.02 -15.32 8.37
N VAL C 182 -14.51 -16.43 7.85
CA VAL C 182 -14.77 -16.79 6.46
C VAL C 182 -16.26 -17.01 6.16
N PRO C 183 -17.06 -17.63 7.04
CA PRO C 183 -18.50 -17.73 6.72
C PRO C 183 -19.14 -16.37 6.45
N PHE C 184 -18.83 -15.37 7.28
CA PHE C 184 -19.32 -14.02 7.07
C PHE C 184 -18.78 -13.45 5.75
N ASN C 185 -17.47 -13.61 5.51
CA ASN C 185 -16.83 -13.07 4.32
C ASN C 185 -17.48 -13.60 3.05
N ILE C 186 -17.67 -14.92 2.98
CA ILE C 186 -18.30 -15.53 1.80
C ILE C 186 -19.70 -14.96 1.59
N ALA C 187 -20.50 -14.94 2.66
CA ALA C 187 -21.88 -14.48 2.49
C ALA C 187 -21.93 -13.01 2.07
N SER C 188 -20.99 -12.20 2.55
CA SER C 188 -20.98 -10.78 2.19
CA SER C 188 -20.98 -10.78 2.19
C SER C 188 -20.84 -10.59 0.69
N TYR C 189 -19.77 -11.17 0.11
CA TYR C 189 -19.52 -10.90 -1.30
C TYR C 189 -20.43 -11.70 -2.21
N ALA C 190 -20.90 -12.88 -1.75
CA ALA C 190 -21.95 -13.57 -2.50
C ALA C 190 -23.20 -12.69 -2.60
N LEU C 191 -23.57 -12.04 -1.48
CA LEU C 191 -24.76 -11.20 -1.51
C LEU C 191 -24.53 -9.96 -2.38
N LEU C 192 -23.34 -9.38 -2.33
CA LEU C 192 -23.03 -8.26 -3.23
C LEU C 192 -23.21 -8.68 -4.69
N LEU C 193 -22.74 -9.88 -5.04
CA LEU C 193 -22.93 -10.37 -6.40
C LEU C 193 -24.40 -10.43 -6.76
N MET C 194 -25.23 -10.95 -5.86
CA MET C 194 -26.65 -11.02 -6.15
C MET C 194 -27.25 -9.63 -6.35
N MET C 195 -26.82 -8.66 -5.54
CA MET C 195 -27.36 -7.30 -5.67
C MET C 195 -26.97 -6.67 -6.99
N VAL C 196 -25.69 -6.78 -7.37
CA VAL C 196 -25.24 -6.18 -8.63
C VAL C 196 -25.86 -6.89 -9.81
N ALA C 197 -25.98 -8.22 -9.76
CA ALA C 197 -26.64 -8.93 -10.86
C ALA C 197 -28.06 -8.40 -11.09
N GLN C 198 -28.79 -8.16 -10.01
CA GLN C 198 -30.17 -7.70 -10.16
C GLN C 198 -30.22 -6.33 -10.82
N VAL C 199 -29.38 -5.40 -10.38
CA VAL C 199 -29.49 -4.03 -10.88
C VAL C 199 -28.83 -3.84 -12.23
N THR C 200 -28.11 -4.84 -12.72
CA THR C 200 -27.60 -4.81 -14.08
C THR C 200 -28.42 -5.69 -15.02
N GLY C 201 -29.53 -6.25 -14.54
CA GLY C 201 -30.39 -7.06 -15.36
C GLY C 201 -29.83 -8.40 -15.78
N LEU C 202 -28.91 -8.96 -14.98
CA LEU C 202 -28.27 -10.23 -15.30
C LEU C 202 -28.71 -11.31 -14.30
N GLN C 203 -28.55 -12.57 -14.71
CA GLN C 203 -28.75 -13.70 -13.82
C GLN C 203 -27.47 -13.97 -13.04
N VAL C 204 -27.62 -14.61 -11.87
CA VAL C 204 -26.43 -14.83 -11.04
C VAL C 204 -25.62 -16.00 -11.59
N GLY C 205 -24.29 -15.82 -11.61
CA GLY C 205 -23.37 -16.86 -12.01
C GLY C 205 -22.65 -17.43 -10.80
N ASP C 206 -21.31 -17.42 -10.83
CA ASP C 206 -20.52 -18.04 -9.77
C ASP C 206 -19.94 -16.98 -8.86
N TYR C 207 -19.87 -17.30 -7.57
CA TYR C 207 -19.07 -16.55 -6.62
C TYR C 207 -17.78 -17.32 -6.40
N VAL C 208 -16.63 -16.68 -6.68
CA VAL C 208 -15.32 -17.30 -6.53
C VAL C 208 -14.56 -16.54 -5.45
N HIS C 209 -13.94 -17.27 -4.54
CA HIS C 209 -13.28 -16.65 -3.38
C HIS C 209 -11.84 -17.16 -3.34
N SER C 210 -10.89 -16.27 -3.62
CA SER C 210 -9.48 -16.63 -3.58
C SER C 210 -8.84 -16.07 -2.32
N PHE C 211 -7.91 -16.85 -1.75
CA PHE C 211 -7.31 -16.55 -0.46
C PHE C 211 -5.79 -16.52 -0.56
N GLY C 212 -5.20 -15.56 0.16
CA GLY C 212 -3.78 -15.56 0.52
C GLY C 212 -3.59 -16.42 1.75
N ASP C 213 -3.35 -15.80 2.90
CA ASP C 213 -3.19 -16.53 4.15
C ASP C 213 -4.54 -17.00 4.66
N VAL C 214 -4.65 -18.29 5.00
CA VAL C 214 -5.85 -18.85 5.64
C VAL C 214 -5.40 -19.48 6.95
N HIS C 215 -6.05 -19.13 8.06
CA HIS C 215 -5.56 -19.62 9.34
C HIS C 215 -6.72 -19.99 10.25
N ILE C 216 -6.39 -20.87 11.20
CA ILE C 216 -7.26 -21.23 12.32
C ILE C 216 -6.47 -21.02 13.60
N TYR C 217 -7.08 -20.37 14.57
CA TYR C 217 -6.45 -20.21 15.87
C TYR C 217 -6.40 -21.55 16.60
N ASN C 218 -5.23 -21.86 17.19
CA ASN C 218 -5.08 -23.14 17.89
C ASN C 218 -6.11 -23.29 19.00
N ASN C 219 -6.56 -22.18 19.58
CA ASN C 219 -7.58 -22.25 20.62
C ASN C 219 -8.95 -22.65 20.08
N HIS C 220 -9.16 -22.65 18.76
CA HIS C 220 -10.44 -23.02 18.18
C HIS C 220 -10.48 -24.43 17.65
N PHE C 221 -9.39 -25.21 17.82
CA PHE C 221 -9.34 -26.55 17.24
C PHE C 221 -10.51 -27.42 17.70
N GLU C 222 -10.85 -27.36 18.99
CA GLU C 222 -11.93 -28.19 19.51
C GLU C 222 -13.26 -27.85 18.85
N GLN C 223 -13.54 -26.57 18.68
CA GLN C 223 -14.78 -26.18 18.02
C GLN C 223 -14.76 -26.51 16.53
N VAL C 224 -13.60 -26.44 15.88
CA VAL C 224 -13.52 -26.74 14.46
C VAL C 224 -13.80 -28.22 14.22
N ASN C 225 -13.20 -29.11 15.02
CA ASN C 225 -13.46 -30.53 14.85
C ASN C 225 -14.94 -30.85 15.07
N ARG C 226 -15.58 -30.16 16.03
CA ARG C 226 -17.00 -30.38 16.25
C ARG C 226 -17.79 -30.05 14.99
N GLN C 227 -17.45 -28.93 14.33
CA GLN C 227 -18.14 -28.54 13.11
C GLN C 227 -17.86 -29.52 11.98
N LEU C 228 -16.64 -30.07 11.91
CA LEU C 228 -16.30 -31.01 10.85
C LEU C 228 -17.13 -32.28 10.93
N SER C 229 -17.52 -32.71 12.13
CA SER C 229 -18.33 -33.92 12.28
C SER C 229 -19.81 -33.66 12.11
N ARG C 230 -20.25 -32.40 12.18
CA ARG C 230 -21.68 -32.10 12.05
C ARG C 230 -22.19 -32.46 10.66
N ASP C 231 -23.42 -32.96 10.61
CA ASP C 231 -24.04 -33.28 9.34
C ASP C 231 -24.24 -32.00 8.52
N PRO C 232 -24.19 -32.09 7.19
CA PRO C 232 -24.46 -30.91 6.36
C PRO C 232 -25.95 -30.59 6.34
N LYS C 233 -26.25 -29.43 5.78
CA LYS C 233 -27.62 -28.98 5.59
C LYS C 233 -27.76 -28.36 4.22
N PRO C 234 -28.93 -28.45 3.60
CA PRO C 234 -29.10 -27.82 2.28
C PRO C 234 -28.92 -26.31 2.39
N LEU C 235 -28.49 -25.72 1.29
CA LEU C 235 -28.31 -24.28 1.28
C LEU C 235 -29.66 -23.58 1.30
N PRO C 236 -29.76 -22.43 1.97
CA PRO C 236 -30.97 -21.62 1.91
C PRO C 236 -31.02 -20.84 0.59
N VAL C 237 -32.11 -20.09 0.41
CA VAL C 237 -32.33 -19.29 -0.78
C VAL C 237 -32.48 -17.83 -0.36
N MET C 238 -31.71 -16.95 -1.00
CA MET C 238 -31.79 -15.51 -0.76
C MET C 238 -32.70 -14.90 -1.81
N LYS C 239 -33.73 -14.19 -1.37
CA LYS C 239 -34.68 -13.54 -2.27
C LYS C 239 -34.55 -12.03 -2.10
N LEU C 240 -34.27 -11.33 -3.19
CA LEU C 240 -34.20 -9.88 -3.21
C LEU C 240 -35.51 -9.30 -3.73
N ASN C 241 -35.88 -8.12 -3.21
CA ASN C 241 -37.00 -7.34 -3.74
C ASN C 241 -36.72 -6.99 -5.20
N PRO C 242 -37.48 -7.54 -6.15
CA PRO C 242 -37.19 -7.29 -7.57
C PRO C 242 -37.38 -5.83 -7.99
N ASP C 243 -38.00 -4.99 -7.15
CA ASP C 243 -38.26 -3.61 -7.55
C ASP C 243 -37.01 -2.73 -7.49
N VAL C 244 -35.95 -3.16 -6.80
CA VAL C 244 -34.75 -2.33 -6.67
C VAL C 244 -34.00 -2.39 -7.99
N LYS C 245 -33.83 -1.22 -8.62
CA LYS C 245 -33.17 -1.14 -9.91
C LYS C 245 -31.82 -0.44 -9.84
N ASP C 246 -31.38 -0.04 -8.64
CA ASP C 246 -30.18 0.76 -8.48
C ASP C 246 -29.40 0.28 -7.27
N ILE C 247 -28.09 0.06 -7.44
CA ILE C 247 -27.26 -0.52 -6.37
C ILE C 247 -27.27 0.33 -5.12
N PHE C 248 -27.58 1.61 -5.22
CA PHE C 248 -27.54 2.50 -4.06
C PHE C 248 -28.89 2.61 -3.36
N ASP C 249 -29.91 1.87 -3.81
CA ASP C 249 -31.27 2.02 -3.33
C ASP C 249 -31.73 0.86 -2.45
N PHE C 250 -30.83 -0.04 -2.05
CA PHE C 250 -31.28 -1.18 -1.26
C PHE C 250 -31.54 -0.78 0.19
N LYS C 251 -32.51 -1.47 0.80
CA LYS C 251 -32.79 -1.35 2.22
C LYS C 251 -32.80 -2.74 2.84
N PHE C 252 -32.62 -2.79 4.16
CA PHE C 252 -32.65 -4.06 4.87
C PHE C 252 -33.89 -4.87 4.53
N GLU C 253 -35.03 -4.20 4.38
CA GLU C 253 -36.31 -4.86 4.13
C GLU C 253 -36.34 -5.60 2.79
N ASP C 254 -35.40 -5.31 1.89
CA ASP C 254 -35.43 -5.89 0.55
C ASP C 254 -34.85 -7.29 0.50
N PHE C 255 -34.42 -7.83 1.62
CA PHE C 255 -33.72 -9.12 1.67
C PHE C 255 -34.55 -10.12 2.47
N GLU C 256 -34.66 -11.34 1.96
CA GLU C 256 -35.32 -12.41 2.71
C GLU C 256 -34.60 -13.73 2.44
N LEU C 257 -34.05 -14.31 3.50
CA LEU C 257 -33.42 -15.62 3.43
C LEU C 257 -34.45 -16.69 3.75
N LEU C 258 -34.60 -17.67 2.85
CA LEU C 258 -35.63 -18.69 2.95
C LEU C 258 -35.03 -20.04 3.29
N ASN C 259 -35.80 -20.82 4.07
CA ASN C 259 -35.42 -22.14 4.60
C ASN C 259 -34.45 -21.99 5.76
C1 PGE D . 15.82 32.40 10.78
O1 PGE D . 15.38 33.75 10.83
C2 PGE D . 14.63 31.49 10.48
O2 PGE D . 14.32 31.54 9.10
C3 PGE D . 14.27 30.27 8.49
C4 PGE D . 14.44 30.42 6.98
O4 PGE D . 18.43 30.53 6.45
C6 PGE D . 17.70 29.48 5.84
C5 PGE D . 16.28 29.94 5.58
O3 PGE D . 15.80 30.65 6.70
C1 PGE E . 4.27 -11.64 -22.68
O1 PGE E . 3.47 -12.44 -23.54
C2 PGE E . 4.05 -10.17 -23.00
O2 PGE E . 3.91 -9.45 -21.79
C3 PGE E . 3.90 -8.04 -21.96
C4 PGE E . 2.89 -7.68 -23.04
O4 PGE E . -1.21 -7.42 -22.91
C6 PGE E . 0.19 -7.70 -22.91
C5 PGE E . 0.95 -6.65 -22.14
O3 PGE E . 2.24 -6.46 -22.70
C1 PGE F . -16.01 -11.18 11.10
O1 PGE F . -16.99 -12.00 11.74
C2 PGE F . -16.71 -10.24 10.12
O2 PGE F . -16.74 -8.94 10.69
C3 PGE F . -16.32 -7.91 9.82
C4 PGE F . -15.68 -6.80 10.64
O4 PGE F . -11.84 -7.56 11.21
C6 PGE F . -12.08 -6.19 10.93
C5 PGE F . -13.56 -5.87 11.11
O3 PGE F . -14.32 -6.69 10.26
#